data_7FIP
#
_entry.id   7FIP
#
_cell.length_a   206.317
_cell.length_b   206.317
_cell.length_c   78.424
_cell.angle_alpha   90.000
_cell.angle_beta   90.000
_cell.angle_gamma   90.000
#
_symmetry.space_group_name_H-M   'I 4'
#
loop_
_entity.id
_entity.type
_entity.pdbx_description
1 polymer 'Beta-1,2-mannobiose phosphorylase'
2 non-polymer 'ZINC ION'
3 water water
#
_entity_poly.entity_id   1
_entity_poly.type   'polypeptide(L)'
_entity_poly.pdbx_seq_one_letter_code
;GAGAGAGAGAGMFRLTRLSNKPILSPIKEHEWEKEAVFNAAVIYEGNKFHLFYRASNNKFVLNTEKPEEKYKFVSSIGYA
VSEDGINFERFDKPVLVGEIPQEAWGVEDPRITKIDNKYYMLYTGFGGRDWLDFRICMVWSDDLKNWKGHRIVLDEPNKD
AALLSEKINGKYVLFHRRMPDIWIAYSDDLVNWYNHKIIMSPKSHTWESKKIGIAGPPIKREDGWLLIYHGVDNNNVYRL
GVALLDLKDPSKVIARQKEPILEPELDWEINGLVPNVVFSCGAVEVNDMYYVYYGAADTHIGVAVIEKEKVKF
;
_entity_poly.pdbx_strand_id   A,B,C,D
#
loop_
_chem_comp.id
_chem_comp.type
_chem_comp.name
_chem_comp.formula
ZN non-polymer 'ZINC ION' 'Zn 2'
#
# COMPACT_ATOMS: atom_id res chain seq x y z
N GLY A 11 19.30 21.15 1.78
CA GLY A 11 20.54 20.49 2.15
C GLY A 11 20.70 19.11 1.52
N MET A 12 20.30 19.01 0.26
CA MET A 12 20.33 17.78 -0.51
C MET A 12 21.46 17.83 -1.54
N PHE A 13 21.99 16.66 -1.90
CA PHE A 13 22.99 16.58 -2.95
C PHE A 13 22.50 15.74 -4.14
N ARG A 14 23.02 16.07 -5.32
CA ARG A 14 22.66 15.42 -6.57
C ARG A 14 23.91 14.86 -7.22
N LEU A 15 23.73 13.80 -8.00
CA LEU A 15 24.77 13.40 -8.93
C LEU A 15 24.79 14.36 -10.11
N THR A 16 25.96 14.52 -10.72
CA THR A 16 26.11 15.34 -11.92
C THR A 16 26.63 14.44 -13.03
N ARG A 17 25.99 14.52 -14.20
CA ARG A 17 26.37 13.70 -15.33
C ARG A 17 27.69 14.17 -15.94
N LEU A 18 28.54 13.20 -16.30
CA LEU A 18 29.81 13.52 -16.97
C LEU A 18 29.61 13.94 -18.42
N SER A 19 28.56 13.42 -19.06
CA SER A 19 28.24 13.76 -20.44
C SER A 19 26.73 13.84 -20.61
N ASN A 20 26.29 14.76 -21.44
CA ASN A 20 24.90 14.78 -21.84
C ASN A 20 24.61 13.76 -22.94
N LYS A 21 25.55 12.88 -23.21
CA LYS A 21 25.32 11.79 -24.15
C LYS A 21 25.74 10.48 -23.49
N PRO A 22 25.16 9.36 -23.92
CA PRO A 22 25.52 8.07 -23.31
C PRO A 22 26.96 7.70 -23.59
N ILE A 23 27.57 6.98 -22.63
CA ILE A 23 28.93 6.51 -22.80
C ILE A 23 28.99 5.09 -23.37
N LEU A 24 27.90 4.33 -23.27
CA LEU A 24 27.83 3.08 -24.01
C LEU A 24 26.44 3.00 -24.62
N SER A 25 26.37 2.66 -25.89
CA SER A 25 25.12 2.55 -26.60
C SER A 25 25.14 1.19 -27.28
N PRO A 26 23.99 0.66 -27.68
CA PRO A 26 23.96 -0.65 -28.32
C PRO A 26 24.81 -0.65 -29.59
N ILE A 27 25.26 -1.83 -29.99
CA ILE A 27 26.10 -2.00 -31.17
C ILE A 27 25.39 -2.96 -32.12
N LYS A 28 24.95 -2.44 -33.27
CA LYS A 28 23.95 -3.17 -34.03
C LYS A 28 24.51 -4.40 -34.75
N GLU A 29 25.84 -4.49 -34.95
CA GLU A 29 26.49 -5.69 -35.49
C GLU A 29 26.52 -6.86 -34.52
N HIS A 30 26.23 -6.64 -33.25
CA HIS A 30 26.31 -7.67 -32.23
C HIS A 30 24.88 -7.99 -31.80
N GLU A 31 24.40 -9.17 -32.17
CA GLU A 31 23.05 -9.58 -31.80
C GLU A 31 22.81 -9.38 -30.30
N TRP A 32 23.69 -9.92 -29.46
CA TRP A 32 23.52 -9.86 -28.02
C TRP A 32 23.46 -8.44 -27.48
N GLU A 33 23.79 -7.42 -28.25
CA GLU A 33 23.66 -6.08 -27.70
C GLU A 33 23.08 -5.10 -28.70
N LYS A 34 22.30 -5.60 -29.65
CA LYS A 34 21.94 -4.69 -30.75
C LYS A 34 20.81 -3.74 -30.42
N GLU A 35 20.16 -3.87 -29.26
CA GLU A 35 19.09 -2.95 -28.94
C GLU A 35 19.26 -2.24 -27.61
N ALA A 36 20.00 -2.83 -26.66
CA ALA A 36 20.11 -2.18 -25.36
C ALA A 36 21.42 -2.56 -24.69
N VAL A 37 21.99 -1.57 -23.99
CA VAL A 37 23.07 -1.75 -23.03
C VAL A 37 22.76 -0.86 -21.82
N PHE A 38 22.78 -1.43 -20.64
CA PHE A 38 22.28 -0.71 -19.48
C PHE A 38 22.64 -1.50 -18.23
N ASN A 39 22.11 -1.02 -17.09
CA ASN A 39 22.16 -1.62 -15.76
C ASN A 39 23.42 -2.43 -15.54
N ALA A 40 24.50 -1.73 -15.26
CA ALA A 40 25.84 -2.30 -15.33
C ALA A 40 26.48 -2.32 -13.96
N ALA A 41 27.11 -3.43 -13.63
CA ALA A 41 27.97 -3.46 -12.47
C ALA A 41 29.30 -2.77 -12.79
N VAL A 42 30.01 -2.34 -11.75
CA VAL A 42 31.33 -1.75 -11.98
C VAL A 42 32.24 -2.03 -10.79
N ILE A 43 33.49 -2.35 -11.12
CA ILE A 43 34.58 -2.57 -10.18
C ILE A 43 35.79 -1.78 -10.66
N TYR A 44 36.41 -1.05 -9.76
CA TYR A 44 37.64 -0.33 -10.07
C TYR A 44 38.83 -1.11 -9.48
N GLU A 45 39.65 -1.71 -10.36
CA GLU A 45 40.85 -2.45 -9.96
C GLU A 45 41.96 -2.25 -11.00
N GLY A 46 43.20 -2.36 -10.53
CA GLY A 46 44.33 -2.12 -11.42
C GLY A 46 44.24 -0.78 -12.12
N ASN A 47 43.84 0.25 -11.37
CA ASN A 47 43.48 1.58 -11.87
C ASN A 47 42.71 1.54 -13.19
N LYS A 48 41.76 0.60 -13.32
CA LYS A 48 40.86 0.58 -14.46
C LYS A 48 39.43 0.44 -13.97
N PHE A 49 38.52 1.10 -14.68
CA PHE A 49 37.08 0.90 -14.48
C PHE A 49 36.65 -0.33 -15.27
N HIS A 50 36.22 -1.38 -14.55
CA HIS A 50 35.75 -2.63 -15.15
C HIS A 50 34.23 -2.66 -15.11
N LEU A 51 33.62 -2.56 -16.28
CA LEU A 51 32.18 -2.42 -16.43
C LEU A 51 31.60 -3.73 -16.95
N PHE A 52 30.57 -4.25 -16.26
CA PHE A 52 29.86 -5.47 -16.65
C PHE A 52 28.41 -5.09 -16.92
N TYR A 53 28.07 -4.85 -18.19
CA TYR A 53 26.80 -4.22 -18.53
C TYR A 53 25.77 -5.23 -19.01
N ARG A 54 24.52 -4.91 -18.74
CA ARG A 54 23.44 -5.70 -19.26
C ARG A 54 23.21 -5.35 -20.73
N ALA A 55 22.80 -6.36 -21.50
CA ALA A 55 22.75 -6.27 -22.94
C ALA A 55 21.56 -7.07 -23.44
N SER A 56 20.67 -6.43 -24.19
CA SER A 56 19.54 -7.13 -24.79
C SER A 56 19.65 -7.20 -26.32
N ASN A 57 19.36 -8.37 -26.85
CA ASN A 57 19.23 -8.56 -28.28
C ASN A 57 17.92 -8.03 -28.87
N ASN A 58 17.00 -7.54 -28.06
CA ASN A 58 15.70 -7.14 -28.60
C ASN A 58 15.11 -6.03 -27.73
N LYS A 59 14.12 -5.34 -28.28
CA LYS A 59 13.30 -4.43 -27.48
C LYS A 59 12.47 -5.25 -26.48
N PHE A 60 11.79 -4.54 -25.58
CA PHE A 60 11.16 -5.16 -24.41
C PHE A 60 9.64 -4.99 -24.47
N VAL A 61 8.93 -6.03 -24.90
CA VAL A 61 7.47 -6.04 -24.82
C VAL A 61 7.13 -6.66 -23.48
N LEU A 62 6.59 -5.86 -22.58
CA LEU A 62 6.35 -6.29 -21.23
C LEU A 62 4.87 -6.33 -20.87
N ASN A 63 3.98 -5.93 -21.77
CA ASN A 63 2.56 -5.80 -21.49
C ASN A 63 1.74 -7.05 -21.81
N THR A 64 2.38 -8.20 -22.04
CA THR A 64 1.66 -9.42 -22.39
C THR A 64 1.38 -10.25 -21.13
N GLU A 65 0.36 -11.09 -21.21
CA GLU A 65 -0.03 -11.86 -20.04
C GLU A 65 1.06 -12.84 -19.64
N LYS A 66 1.76 -13.40 -20.61
CA LYS A 66 2.93 -14.20 -20.32
C LYS A 66 4.02 -13.79 -21.29
N PRO A 67 5.28 -14.07 -20.96
CA PRO A 67 6.37 -13.78 -21.93
C PRO A 67 6.18 -14.63 -23.18
N GLU A 68 6.11 -13.96 -24.32
CA GLU A 68 5.81 -14.61 -25.58
C GLU A 68 7.08 -14.78 -26.40
N GLU A 69 7.24 -16.00 -26.94
CA GLU A 69 8.37 -16.29 -27.84
C GLU A 69 8.47 -15.26 -28.95
N LYS A 70 7.33 -14.84 -29.50
CA LYS A 70 7.32 -13.86 -30.57
C LYS A 70 7.86 -12.50 -30.12
N TYR A 71 8.01 -12.27 -28.82
CA TYR A 71 8.62 -11.05 -28.31
C TYR A 71 9.84 -11.32 -27.43
N LYS A 72 10.44 -12.50 -27.53
CA LYS A 72 11.49 -12.88 -26.61
C LYS A 72 12.64 -11.89 -26.65
N PHE A 73 13.14 -11.55 -25.46
CA PHE A 73 14.39 -10.80 -25.32
C PHE A 73 15.37 -11.58 -24.46
N VAL A 74 16.65 -11.46 -24.80
CA VAL A 74 17.70 -12.18 -24.12
C VAL A 74 18.67 -11.14 -23.57
N SER A 75 18.92 -11.22 -22.27
CA SER A 75 19.89 -10.34 -21.63
C SER A 75 21.20 -11.10 -21.48
N SER A 76 22.28 -10.46 -21.89
CA SER A 76 23.61 -10.97 -21.67
C SER A 76 24.39 -9.93 -20.89
N ILE A 77 25.52 -10.36 -20.35
CA ILE A 77 26.42 -9.47 -19.65
C ILE A 77 27.68 -9.32 -20.48
N GLY A 78 27.91 -8.07 -20.93
CA GLY A 78 29.12 -7.71 -21.64
C GLY A 78 30.12 -7.05 -20.72
N TYR A 79 31.34 -6.91 -21.22
CA TYR A 79 32.47 -6.40 -20.46
C TYR A 79 33.05 -5.21 -21.21
N ALA A 80 33.30 -4.13 -20.49
CA ALA A 80 33.95 -2.98 -21.05
C ALA A 80 34.96 -2.50 -20.03
N VAL A 81 36.12 -2.03 -20.50
CA VAL A 81 37.15 -1.55 -19.61
C VAL A 81 37.58 -0.16 -20.05
N SER A 82 37.97 0.65 -19.06
CA SER A 82 38.26 2.06 -19.30
C SER A 82 39.26 2.51 -18.27
N GLU A 83 40.10 3.47 -18.67
CA GLU A 83 41.02 4.09 -17.73
C GLU A 83 40.35 5.27 -17.06
N ASP A 84 39.71 6.11 -17.86
CA ASP A 84 39.19 7.36 -17.38
C ASP A 84 37.76 7.27 -16.89
N GLY A 85 37.16 6.08 -16.96
CA GLY A 85 35.77 5.91 -16.58
C GLY A 85 34.74 6.49 -17.52
N ILE A 86 35.17 7.05 -18.66
CA ILE A 86 34.27 7.63 -19.64
C ILE A 86 34.36 6.90 -20.97
N ASN A 87 35.58 6.64 -21.45
CA ASN A 87 35.80 6.03 -22.76
C ASN A 87 36.21 4.58 -22.55
N PHE A 88 35.51 3.66 -23.19
CA PHE A 88 35.66 2.25 -22.85
C PHE A 88 36.12 1.43 -24.04
N GLU A 89 36.83 0.36 -23.75
CA GLU A 89 37.05 -0.67 -24.75
C GLU A 89 35.96 -1.74 -24.58
N ARG A 90 35.39 -2.16 -25.71
CA ARG A 90 34.34 -3.17 -25.76
C ARG A 90 34.80 -4.36 -26.58
N PHE A 91 34.00 -5.42 -26.54
CA PHE A 91 34.44 -6.72 -27.00
C PHE A 91 33.35 -7.39 -27.81
N ASP A 92 33.73 -8.46 -28.50
CA ASP A 92 32.86 -9.01 -29.52
C ASP A 92 31.73 -9.82 -28.91
N LYS A 93 32.03 -10.52 -27.84
CA LYS A 93 31.16 -11.50 -27.23
C LYS A 93 30.90 -11.12 -25.79
N PRO A 94 29.72 -11.47 -25.28
CA PRO A 94 29.41 -11.20 -23.87
C PRO A 94 30.21 -12.10 -22.95
N VAL A 95 30.38 -11.67 -21.71
CA VAL A 95 31.14 -12.48 -20.75
C VAL A 95 30.23 -13.36 -19.91
N LEU A 96 28.94 -13.09 -19.89
CA LEU A 96 27.98 -14.00 -19.26
C LEU A 96 26.72 -14.04 -20.09
N VAL A 97 26.19 -15.26 -20.28
CA VAL A 97 24.91 -15.50 -20.94
C VAL A 97 24.11 -16.45 -20.05
N GLY A 98 22.82 -16.61 -20.39
CA GLY A 98 21.95 -17.48 -19.59
C GLY A 98 22.14 -18.96 -19.88
N GLU A 99 22.08 -19.77 -18.82
CA GLU A 99 22.00 -21.21 -18.94
C GLU A 99 20.55 -21.60 -19.27
N ILE A 100 20.39 -22.59 -20.14
CA ILE A 100 19.06 -23.04 -20.54
C ILE A 100 18.68 -24.23 -19.65
N PRO A 101 17.43 -24.31 -19.15
CA PRO A 101 16.33 -23.39 -19.43
C PRO A 101 16.09 -22.34 -18.36
N GLN A 102 16.82 -22.43 -17.25
CA GLN A 102 16.42 -21.61 -16.11
C GLN A 102 16.64 -20.13 -16.38
N GLU A 103 17.61 -19.79 -17.22
CA GLU A 103 17.90 -18.39 -17.55
C GLU A 103 17.75 -18.15 -19.05
N ALA A 104 16.80 -18.84 -19.68
CA ALA A 104 16.69 -18.81 -21.13
C ALA A 104 16.46 -17.39 -21.64
N TRP A 105 15.84 -16.53 -20.84
CA TRP A 105 15.75 -15.14 -21.26
C TRP A 105 16.91 -14.29 -20.73
N GLY A 106 17.91 -14.92 -20.13
CA GLY A 106 19.17 -14.28 -19.88
C GLY A 106 19.41 -13.84 -18.46
N VAL A 107 20.39 -12.93 -18.32
CA VAL A 107 21.03 -12.61 -17.06
C VAL A 107 21.03 -11.09 -16.95
N GLU A 108 20.45 -10.58 -15.86
CA GLU A 108 20.02 -9.19 -15.80
C GLU A 108 20.66 -8.48 -14.62
N ASP A 109 20.87 -7.17 -14.78
CA ASP A 109 21.17 -6.26 -13.68
C ASP A 109 22.25 -6.77 -12.74
N PRO A 110 23.46 -6.99 -13.24
CA PRO A 110 24.53 -7.53 -12.40
C PRO A 110 25.03 -6.51 -11.38
N ARG A 111 25.28 -6.97 -10.17
CA ARG A 111 25.96 -6.20 -9.14
C ARG A 111 27.18 -6.98 -8.65
N ILE A 112 28.35 -6.38 -8.73
CA ILE A 112 29.58 -7.09 -8.44
C ILE A 112 30.15 -6.58 -7.14
N THR A 113 30.42 -7.51 -6.24
CA THR A 113 31.08 -7.24 -4.99
C THR A 113 32.37 -8.04 -4.92
N LYS A 114 33.44 -7.38 -4.49
CA LYS A 114 34.68 -8.06 -4.14
C LYS A 114 34.69 -8.29 -2.64
N ILE A 115 34.84 -9.54 -2.23
CA ILE A 115 35.03 -9.90 -0.82
C ILE A 115 36.24 -10.81 -0.75
N ASP A 116 37.32 -10.31 -0.13
CA ASP A 116 38.55 -11.08 0.10
C ASP A 116 39.03 -11.78 -1.18
N ASN A 117 39.44 -10.92 -2.11
CA ASN A 117 40.08 -11.35 -3.36
C ASN A 117 39.32 -12.48 -4.07
N LYS A 118 38.00 -12.52 -3.88
CA LYS A 118 37.09 -13.20 -4.80
C LYS A 118 36.02 -12.20 -5.24
N TYR A 119 35.60 -12.31 -6.49
CA TYR A 119 34.62 -11.40 -7.06
C TYR A 119 33.28 -12.12 -7.22
N TYR A 120 32.22 -11.52 -6.70
CA TYR A 120 30.89 -12.12 -6.71
C TYR A 120 29.97 -11.27 -7.58
N MET A 121 29.40 -11.89 -8.61
CA MET A 121 28.41 -11.25 -9.45
C MET A 121 27.03 -11.79 -9.09
N LEU A 122 26.18 -10.91 -8.62
CA LEU A 122 24.78 -11.23 -8.40
C LEU A 122 23.98 -10.65 -9.54
N TYR A 123 23.00 -11.41 -10.03
CA TYR A 123 22.20 -10.97 -11.15
C TYR A 123 20.85 -11.67 -11.08
N THR A 124 19.92 -11.22 -11.91
CA THR A 124 18.63 -11.87 -12.04
C THR A 124 18.68 -12.79 -13.25
N GLY A 125 18.60 -14.09 -13.00
CA GLY A 125 18.33 -15.05 -14.05
C GLY A 125 16.85 -15.04 -14.39
N PHE A 126 16.53 -14.95 -15.68
CA PHE A 126 15.16 -14.84 -16.15
C PHE A 126 14.93 -16.00 -17.12
N GLY A 127 13.96 -16.87 -16.76
CA GLY A 127 13.62 -18.02 -17.58
C GLY A 127 12.66 -17.74 -18.72
N GLY A 128 11.85 -16.69 -18.62
CA GLY A 128 10.88 -16.38 -19.65
C GLY A 128 9.62 -17.24 -19.63
N ARG A 129 9.54 -18.26 -18.78
CA ARG A 129 8.39 -19.15 -18.80
C ARG A 129 7.14 -18.51 -18.20
N ASP A 130 7.32 -17.54 -17.31
CA ASP A 130 6.25 -16.65 -16.89
C ASP A 130 6.92 -15.43 -16.29
N TRP A 131 6.13 -14.39 -16.02
CA TRP A 131 6.71 -13.12 -15.58
C TRP A 131 7.27 -13.17 -14.17
N LEU A 132 7.17 -14.30 -13.48
CA LEU A 132 7.76 -14.51 -12.16
C LEU A 132 8.91 -15.48 -12.24
N ASP A 133 9.25 -15.92 -13.45
CA ASP A 133 10.31 -16.90 -13.68
C ASP A 133 11.70 -16.24 -13.57
N PHE A 134 11.96 -15.56 -12.45
CA PHE A 134 13.26 -14.95 -12.24
C PHE A 134 13.68 -15.21 -10.80
N ARG A 135 14.99 -15.17 -10.59
CA ARG A 135 15.53 -15.39 -9.26
C ARG A 135 16.89 -14.73 -9.16
N ILE A 136 17.34 -14.51 -7.92
CA ILE A 136 18.70 -14.05 -7.68
C ILE A 136 19.67 -15.20 -7.93
N CYS A 137 20.64 -14.96 -8.82
CA CYS A 137 21.72 -15.89 -9.10
C CYS A 137 23.07 -15.25 -8.83
N MET A 138 24.08 -16.10 -8.72
CA MET A 138 25.42 -15.67 -8.40
C MET A 138 26.43 -16.51 -9.15
N VAL A 139 27.45 -15.87 -9.71
CA VAL A 139 28.66 -16.56 -10.06
C VAL A 139 29.82 -15.85 -9.38
N TRP A 140 31.00 -16.43 -9.48
CA TRP A 140 32.17 -15.81 -8.88
C TRP A 140 33.42 -16.13 -9.69
N SER A 141 34.43 -15.31 -9.47
CA SER A 141 35.73 -15.51 -10.08
C SER A 141 36.77 -14.88 -9.18
N ASP A 142 38.02 -15.27 -9.40
CA ASP A 142 39.09 -14.57 -8.73
C ASP A 142 39.80 -13.59 -9.64
N ASP A 143 39.37 -13.49 -10.91
CA ASP A 143 40.06 -12.66 -11.90
C ASP A 143 39.14 -11.75 -12.69
N LEU A 144 37.83 -11.75 -12.41
CA LEU A 144 36.84 -11.03 -13.20
C LEU A 144 36.73 -11.54 -14.63
N LYS A 145 37.20 -12.75 -14.90
CA LYS A 145 37.20 -13.28 -16.26
C LYS A 145 36.53 -14.64 -16.35
N ASN A 146 36.88 -15.56 -15.46
CA ASN A 146 36.41 -16.94 -15.48
C ASN A 146 35.38 -17.12 -14.36
N TRP A 147 34.12 -16.85 -14.68
CA TRP A 147 33.04 -16.95 -13.70
C TRP A 147 32.63 -18.39 -13.51
N LYS A 148 32.39 -18.77 -12.26
CA LYS A 148 32.00 -20.16 -11.98
C LYS A 148 31.09 -20.16 -10.77
N GLY A 149 30.75 -21.36 -10.31
CA GLY A 149 29.99 -21.53 -9.09
C GLY A 149 28.58 -21.01 -9.14
N HIS A 150 27.92 -21.08 -10.31
CA HIS A 150 26.53 -20.67 -10.40
C HIS A 150 25.67 -21.36 -9.34
N ARG A 151 24.83 -20.57 -8.68
CA ARG A 151 23.89 -21.07 -7.69
C ARG A 151 22.74 -20.07 -7.63
N ILE A 152 21.57 -20.57 -7.21
CA ILE A 152 20.43 -19.72 -6.95
C ILE A 152 20.57 -19.22 -5.51
N VAL A 153 20.77 -17.92 -5.37
CA VAL A 153 20.98 -17.34 -4.04
C VAL A 153 19.73 -17.52 -3.19
N LEU A 154 18.58 -17.03 -3.70
CA LEU A 154 17.27 -17.26 -3.10
C LEU A 154 16.36 -17.82 -4.17
N ASP A 155 15.70 -18.93 -3.89
CA ASP A 155 14.91 -19.63 -4.89
C ASP A 155 13.45 -19.17 -4.80
N GLU A 156 13.24 -17.94 -5.26
CA GLU A 156 11.96 -17.24 -5.21
C GLU A 156 12.00 -16.13 -6.24
N PRO A 157 10.84 -15.59 -6.63
CA PRO A 157 10.87 -14.38 -7.46
C PRO A 157 11.42 -13.22 -6.64
N ASN A 158 12.60 -12.74 -7.03
CA ASN A 158 13.38 -11.75 -6.27
C ASN A 158 14.49 -11.22 -7.18
N LYS A 159 15.02 -10.07 -6.81
CA LYS A 159 16.02 -9.38 -7.63
C LYS A 159 16.64 -8.25 -6.81
N ASP A 160 17.21 -7.25 -7.49
CA ASP A 160 17.92 -6.13 -6.84
C ASP A 160 18.75 -6.66 -5.69
N ALA A 161 19.64 -7.57 -6.04
CA ALA A 161 20.47 -8.26 -5.05
C ALA A 161 21.91 -7.78 -5.17
N ALA A 162 22.58 -7.73 -4.03
CA ALA A 162 24.00 -7.34 -3.97
C ALA A 162 24.58 -7.88 -2.69
N LEU A 163 25.87 -8.21 -2.74
CA LEU A 163 26.60 -8.64 -1.56
C LEU A 163 27.31 -7.45 -0.95
N LEU A 164 27.34 -7.40 0.38
CA LEU A 164 28.18 -6.40 1.02
C LEU A 164 29.67 -6.75 0.80
N SER A 165 30.51 -5.71 0.73
CA SER A 165 31.92 -5.95 0.43
C SER A 165 32.71 -6.57 1.56
N GLU A 166 32.09 -6.85 2.71
CA GLU A 166 32.78 -7.58 3.78
C GLU A 166 31.75 -8.23 4.68
N LYS A 167 32.20 -9.21 5.47
CA LYS A 167 31.33 -9.89 6.41
C LYS A 167 30.98 -8.98 7.58
N ILE A 168 29.90 -9.33 8.27
CA ILE A 168 29.47 -8.64 9.49
C ILE A 168 29.29 -9.73 10.54
N ASN A 169 30.14 -9.72 11.58
CA ASN A 169 30.17 -10.77 12.61
C ASN A 169 30.40 -12.15 12.00
N GLY A 170 31.31 -12.22 11.02
CA GLY A 170 31.55 -13.48 10.34
C GLY A 170 30.52 -13.86 9.30
N LYS A 171 29.48 -13.06 9.11
CA LYS A 171 28.36 -13.41 8.24
C LYS A 171 28.46 -12.65 6.93
N TYR A 172 28.28 -13.37 5.82
CA TYR A 172 28.04 -12.68 4.58
C TYR A 172 26.69 -11.96 4.63
N VAL A 173 26.62 -10.84 3.92
CA VAL A 173 25.49 -9.95 3.98
C VAL A 173 24.94 -9.77 2.57
N LEU A 174 23.66 -10.14 2.39
CA LEU A 174 22.97 -10.03 1.11
C LEU A 174 21.86 -8.98 1.21
N PHE A 175 21.84 -8.07 0.26
CA PHE A 175 20.71 -7.16 0.10
C PHE A 175 19.82 -7.72 -0.99
N HIS A 176 18.53 -7.86 -0.70
CA HIS A 176 17.61 -8.34 -1.73
C HIS A 176 16.34 -7.51 -1.67
N ARG A 177 15.30 -8.01 -2.34
CA ARG A 177 14.15 -7.18 -2.58
C ARG A 177 12.88 -8.00 -2.80
N ARG A 178 12.42 -8.70 -1.76
CA ARG A 178 11.02 -9.12 -1.71
C ARG A 178 10.13 -7.88 -1.80
N MET A 179 9.26 -7.86 -2.79
CA MET A 179 8.40 -6.71 -3.08
C MET A 179 7.76 -6.17 -1.78
N PRO A 180 7.82 -4.83 -1.52
CA PRO A 180 8.46 -3.78 -2.32
C PRO A 180 9.59 -3.06 -1.58
N ASP A 181 10.18 -3.71 -0.59
CA ASP A 181 11.18 -3.10 0.28
C ASP A 181 12.57 -3.60 -0.04
N ILE A 182 13.57 -2.90 0.45
CA ILE A 182 14.92 -3.44 0.41
C ILE A 182 15.08 -4.39 1.57
N TRP A 183 15.50 -5.61 1.28
CA TRP A 183 15.67 -6.58 2.34
C TRP A 183 17.14 -6.79 2.60
N ILE A 184 17.43 -7.46 3.72
CA ILE A 184 18.77 -7.90 4.06
C ILE A 184 18.69 -9.31 4.62
N ALA A 185 19.79 -10.03 4.51
CA ALA A 185 19.89 -11.38 5.05
C ALA A 185 21.36 -11.72 5.19
N TYR A 186 21.63 -12.84 5.84
CA TYR A 186 22.97 -13.18 6.30
C TYR A 186 23.28 -14.63 5.97
N SER A 187 24.56 -14.94 5.79
CA SER A 187 24.92 -16.33 5.50
C SER A 187 26.32 -16.66 6.01
N ASP A 188 26.45 -17.86 6.55
CA ASP A 188 27.76 -18.39 6.93
C ASP A 188 28.52 -18.98 5.75
N ASP A 189 27.83 -19.30 4.63
CA ASP A 189 28.43 -20.11 3.57
C ASP A 189 28.15 -19.60 2.16
N LEU A 190 27.56 -18.41 1.99
CA LEU A 190 27.12 -17.92 0.67
C LEU A 190 26.17 -18.89 -0.02
N VAL A 191 25.43 -19.68 0.74
CA VAL A 191 24.51 -20.62 0.11
C VAL A 191 23.16 -20.55 0.79
N ASN A 192 23.15 -20.59 2.12
CA ASN A 192 21.93 -20.59 2.92
C ASN A 192 21.78 -19.26 3.65
N TRP A 193 20.62 -18.65 3.50
CA TRP A 193 20.40 -17.28 3.95
C TRP A 193 19.38 -17.28 5.06
N TYR A 194 19.68 -16.53 6.11
CA TYR A 194 18.81 -16.48 7.27
C TYR A 194 18.89 -15.07 7.80
N ASN A 195 18.13 -14.82 8.88
CA ASN A 195 18.08 -13.51 9.53
C ASN A 195 17.54 -12.42 8.58
N HIS A 196 16.58 -12.81 7.72
CA HIS A 196 15.95 -11.88 6.80
C HIS A 196 15.32 -10.72 7.55
N LYS A 197 15.42 -9.53 6.98
CA LYS A 197 14.95 -8.35 7.68
C LYS A 197 14.74 -7.25 6.67
N ILE A 198 13.59 -6.59 6.73
CA ILE A 198 13.38 -5.38 5.95
C ILE A 198 14.20 -4.24 6.54
N ILE A 199 14.99 -3.59 5.71
CA ILE A 199 15.82 -2.49 6.17
C ILE A 199 15.35 -1.15 5.63
N MET A 200 14.56 -1.11 4.57
CA MET A 200 14.07 0.16 4.06
C MET A 200 12.85 -0.08 3.21
N SER A 201 11.98 0.91 3.18
CA SER A 201 10.65 0.78 2.64
C SER A 201 10.32 1.96 1.73
N PRO A 202 9.43 1.76 0.76
CA PRO A 202 8.99 2.90 -0.05
C PRO A 202 8.25 3.92 0.81
N LYS A 203 7.98 5.09 0.22
CA LYS A 203 7.40 6.23 0.93
C LYS A 203 6.19 6.74 0.15
N SER A 204 5.00 6.60 0.72
CA SER A 204 3.78 6.93 0.00
C SER A 204 3.78 8.40 -0.43
N HIS A 205 3.10 8.68 -1.53
CA HIS A 205 2.96 10.04 -2.08
C HIS A 205 4.33 10.71 -2.30
N THR A 206 5.29 9.94 -2.79
CA THR A 206 6.62 10.44 -3.16
C THR A 206 7.07 9.76 -4.45
N TRP A 207 8.27 10.12 -4.89
CA TRP A 207 8.82 9.50 -6.08
C TRP A 207 9.23 8.05 -5.82
N GLU A 208 9.40 7.68 -4.57
CA GLU A 208 9.82 6.34 -4.20
C GLU A 208 8.69 5.64 -3.46
N SER A 209 7.48 5.61 -4.04
CA SER A 209 6.29 5.12 -3.35
C SER A 209 5.86 3.72 -3.76
N LYS A 210 6.13 3.31 -5.01
CA LYS A 210 5.67 2.00 -5.48
C LYS A 210 6.55 0.87 -4.94
N LYS A 211 7.87 1.00 -5.10
CA LYS A 211 8.85 0.04 -4.60
C LYS A 211 10.20 0.71 -4.59
N ILE A 212 11.12 0.12 -3.83
CA ILE A 212 12.51 0.54 -3.85
C ILE A 212 13.36 -0.72 -3.97
N GLY A 213 14.62 -0.52 -4.31
CA GLY A 213 15.55 -1.62 -4.48
C GLY A 213 16.96 -1.06 -4.47
N ILE A 214 17.91 -1.87 -4.00
CA ILE A 214 19.28 -1.39 -3.94
C ILE A 214 19.76 -1.07 -5.34
N ALA A 215 20.67 -0.11 -5.45
CA ALA A 215 21.35 0.13 -6.72
C ALA A 215 22.56 -0.79 -6.81
N GLY A 216 23.76 -0.21 -6.91
CA GLY A 216 24.99 -0.96 -6.77
C GLY A 216 25.24 -1.35 -5.33
N PRO A 217 26.21 -2.25 -5.10
CA PRO A 217 26.53 -2.63 -3.73
C PRO A 217 26.92 -1.39 -2.93
N PRO A 218 26.60 -1.36 -1.64
CA PRO A 218 26.86 -0.15 -0.88
C PRO A 218 28.36 0.08 -0.79
N ILE A 219 28.73 1.36 -0.77
CA ILE A 219 30.11 1.81 -0.71
C ILE A 219 30.45 2.18 0.74
N LYS A 220 31.48 1.53 1.30
CA LYS A 220 31.92 1.83 2.66
C LYS A 220 32.38 3.27 2.80
N ARG A 221 31.99 3.90 3.91
CA ARG A 221 32.46 5.23 4.30
C ARG A 221 32.90 5.18 5.76
N GLU A 222 33.37 6.32 6.27
CA GLU A 222 33.69 6.39 7.68
C GLU A 222 32.43 6.53 8.53
N ASP A 223 31.43 7.23 8.00
CA ASP A 223 30.18 7.47 8.72
C ASP A 223 29.11 6.39 8.46
N GLY A 224 29.44 5.31 7.77
CA GLY A 224 28.44 4.29 7.45
C GLY A 224 28.63 3.74 6.05
N TRP A 225 27.61 3.03 5.56
CA TRP A 225 27.64 2.49 4.20
C TRP A 225 26.74 3.34 3.30
N LEU A 226 27.28 3.88 2.22
CA LEU A 226 26.49 4.58 1.21
C LEU A 226 25.56 3.61 0.50
N LEU A 227 24.25 3.87 0.55
CA LEU A 227 23.24 2.98 -0.04
C LEU A 227 22.50 3.73 -1.12
N ILE A 228 23.11 3.86 -2.28
CA ILE A 228 22.35 4.31 -3.43
C ILE A 228 21.31 3.26 -3.73
N TYR A 229 20.11 3.70 -4.03
CA TYR A 229 19.02 2.78 -4.34
C TYR A 229 18.16 3.41 -5.42
N HIS A 230 17.35 2.60 -6.08
CA HIS A 230 16.38 3.16 -7.01
C HIS A 230 15.00 3.19 -6.36
N GLY A 231 14.22 4.20 -6.70
CA GLY A 231 12.86 4.34 -6.19
C GLY A 231 11.89 4.47 -7.35
N VAL A 232 10.76 3.77 -7.24
CA VAL A 232 9.80 3.68 -8.33
C VAL A 232 8.54 4.43 -7.93
N ASP A 233 8.14 5.39 -8.75
CA ASP A 233 6.97 6.17 -8.37
C ASP A 233 5.70 5.50 -8.89
N ASN A 234 4.56 6.13 -8.62
CA ASN A 234 3.30 5.48 -8.96
C ASN A 234 3.21 5.22 -10.45
N ASN A 235 3.93 6.01 -11.25
CA ASN A 235 3.86 5.92 -12.71
C ASN A 235 5.02 5.12 -13.30
N ASN A 236 5.73 4.36 -12.47
CA ASN A 236 6.80 3.46 -12.87
C ASN A 236 8.09 4.20 -13.26
N VAL A 237 8.18 5.51 -13.02
CA VAL A 237 9.46 6.22 -13.23
C VAL A 237 10.50 5.70 -12.26
N TYR A 238 11.70 5.41 -12.76
CA TYR A 238 12.78 4.99 -11.88
C TYR A 238 13.75 6.14 -11.68
N ARG A 239 13.92 6.54 -10.43
CA ARG A 239 14.93 7.52 -10.06
C ARG A 239 15.94 6.87 -9.13
N LEU A 240 17.03 7.58 -8.86
CA LEU A 240 17.96 7.12 -7.85
C LEU A 240 17.83 7.98 -6.61
N GLY A 241 17.96 7.33 -5.45
CA GLY A 241 18.08 8.02 -4.19
C GLY A 241 19.30 7.53 -3.43
N VAL A 242 19.45 8.03 -2.21
CA VAL A 242 20.62 7.67 -1.42
C VAL A 242 20.20 7.59 0.04
N ALA A 243 20.72 6.58 0.73
CA ALA A 243 20.59 6.43 2.16
C ALA A 243 21.96 6.08 2.72
N LEU A 244 22.04 6.08 4.06
CA LEU A 244 23.27 5.72 4.75
C LEU A 244 22.94 4.60 5.74
N LEU A 245 23.69 3.52 5.66
CA LEU A 245 23.53 2.39 6.55
C LEU A 245 24.54 2.50 7.69
N ASP A 246 24.16 1.96 8.84
CA ASP A 246 25.07 1.96 9.98
C ASP A 246 26.27 1.07 9.68
N LEU A 247 27.46 1.61 9.95
CA LEU A 247 28.69 0.94 9.55
C LEU A 247 28.80 -0.47 10.15
N LYS A 248 28.49 -0.62 11.44
CA LYS A 248 28.64 -1.91 12.09
C LYS A 248 27.42 -2.79 11.94
N ASP A 249 26.26 -2.19 11.68
CA ASP A 249 25.00 -2.93 11.51
C ASP A 249 24.31 -2.36 10.29
N PRO A 250 24.66 -2.84 9.09
CA PRO A 250 24.06 -2.30 7.86
C PRO A 250 22.58 -2.62 7.73
N SER A 251 21.98 -3.38 8.66
CA SER A 251 20.53 -3.51 8.70
C SER A 251 19.83 -2.22 9.14
N LYS A 252 20.55 -1.25 9.69
CA LYS A 252 19.98 -0.01 10.22
C LYS A 252 20.27 1.14 9.27
N VAL A 253 19.22 1.78 8.77
CA VAL A 253 19.34 3.04 8.05
C VAL A 253 19.49 4.18 9.06
N ILE A 254 20.62 4.90 9.00
CA ILE A 254 20.86 6.02 9.91
C ILE A 254 20.68 7.36 9.21
N ALA A 255 20.42 7.36 7.92
CA ALA A 255 20.14 8.59 7.18
C ALA A 255 19.59 8.20 5.82
N ARG A 256 18.75 9.07 5.28
CA ARG A 256 18.08 8.83 4.00
C ARG A 256 17.69 10.18 3.42
N GLN A 257 18.28 10.55 2.30
CA GLN A 257 17.90 11.80 1.66
C GLN A 257 16.48 11.68 1.12
N LYS A 258 15.68 12.74 1.31
CA LYS A 258 14.30 12.73 0.86
C LYS A 258 14.20 12.86 -0.66
N GLU A 259 15.05 13.66 -1.27
CA GLU A 259 14.96 13.95 -2.68
C GLU A 259 15.92 13.07 -3.47
N PRO A 260 15.54 12.67 -4.70
CA PRO A 260 16.43 11.81 -5.49
C PRO A 260 17.77 12.46 -5.77
N ILE A 261 18.76 11.63 -6.08
CA ILE A 261 20.05 12.14 -6.54
C ILE A 261 20.20 12.07 -8.06
N LEU A 262 19.29 11.41 -8.75
CA LEU A 262 19.33 11.32 -10.20
C LEU A 262 17.95 10.91 -10.68
N GLU A 263 17.52 11.52 -11.77
CA GLU A 263 16.19 11.34 -12.33
C GLU A 263 16.33 11.31 -13.84
N PRO A 264 15.39 10.67 -14.53
CA PRO A 264 15.35 10.82 -15.99
C PRO A 264 15.22 12.29 -16.34
N GLU A 265 16.13 12.77 -17.18
CA GLU A 265 16.11 14.18 -17.57
C GLU A 265 16.38 14.36 -19.06
N LEU A 266 17.39 13.67 -19.55
CA LEU A 266 17.79 13.81 -20.95
C LEU A 266 16.98 12.86 -21.81
N ASP A 267 16.98 13.12 -23.11
CA ASP A 267 16.02 12.39 -23.93
C ASP A 267 16.32 10.91 -23.98
N TRP A 268 17.60 10.52 -23.95
CA TRP A 268 17.98 9.12 -23.94
C TRP A 268 17.79 8.49 -22.56
N GLU A 269 17.40 9.29 -21.58
CA GLU A 269 16.98 8.80 -20.27
C GLU A 269 15.47 8.72 -20.13
N ILE A 270 14.73 9.64 -20.76
CA ILE A 270 13.27 9.66 -20.70
C ILE A 270 12.65 8.77 -21.78
N ASN A 271 13.23 8.76 -22.97
CA ASN A 271 12.74 7.98 -24.09
C ASN A 271 13.74 6.87 -24.37
N GLY A 272 13.22 5.71 -24.76
CA GLY A 272 14.02 4.51 -24.89
C GLY A 272 13.10 3.31 -24.77
N LEU A 273 13.73 2.14 -24.70
CA LEU A 273 12.96 0.89 -24.70
C LEU A 273 12.02 0.80 -23.50
N VAL A 274 12.41 1.39 -22.39
CA VAL A 274 11.50 1.52 -21.26
C VAL A 274 11.63 2.96 -20.82
N PRO A 275 10.59 3.77 -20.98
CA PRO A 275 10.73 5.22 -20.74
C PRO A 275 10.97 5.53 -19.27
N ASN A 276 11.46 6.75 -19.04
CA ASN A 276 11.58 7.30 -17.71
C ASN A 276 12.32 6.35 -16.78
N VAL A 277 13.58 6.08 -17.10
CA VAL A 277 14.37 5.16 -16.29
C VAL A 277 15.80 5.69 -16.12
N VAL A 278 16.24 5.84 -14.87
CA VAL A 278 17.67 5.81 -14.52
C VAL A 278 17.86 4.71 -13.46
N PHE A 279 18.91 3.94 -13.62
CA PHE A 279 19.09 2.71 -12.87
C PHE A 279 20.57 2.40 -12.76
N SER A 280 21.08 2.32 -11.54
CA SER A 280 22.49 1.95 -11.33
C SER A 280 22.59 0.57 -10.74
N CYS A 281 23.48 -0.24 -11.31
CA CYS A 281 23.88 -1.53 -10.75
C CYS A 281 25.31 -1.49 -10.25
N GLY A 282 25.89 -0.30 -10.11
CA GLY A 282 27.29 -0.26 -9.76
C GLY A 282 27.80 1.16 -9.68
N ALA A 283 28.64 1.38 -8.69
CA ALA A 283 29.27 2.68 -8.51
C ALA A 283 30.55 2.46 -7.73
N VAL A 284 31.59 3.20 -8.10
CA VAL A 284 32.88 3.07 -7.43
C VAL A 284 33.41 4.45 -7.09
N GLU A 285 34.36 4.43 -6.15
CA GLU A 285 35.01 5.61 -5.62
C GLU A 285 36.41 5.70 -6.20
N VAL A 286 36.71 6.83 -6.82
CA VAL A 286 38.02 7.07 -7.40
C VAL A 286 38.40 8.50 -7.09
N ASN A 287 39.52 8.69 -6.39
CA ASN A 287 40.02 10.01 -6.06
C ASN A 287 38.96 10.86 -5.39
N ASP A 288 38.40 10.35 -4.29
CA ASP A 288 37.37 11.07 -3.53
C ASP A 288 36.16 11.47 -4.40
N MET A 289 35.92 10.78 -5.51
CA MET A 289 34.68 11.00 -6.24
C MET A 289 33.97 9.68 -6.42
N TYR A 290 32.64 9.73 -6.39
CA TYR A 290 31.83 8.55 -6.64
C TYR A 290 31.44 8.55 -8.11
N TYR A 291 31.78 7.47 -8.80
CA TYR A 291 31.41 7.29 -10.20
C TYR A 291 30.22 6.34 -10.24
N VAL A 292 29.05 6.87 -10.59
CA VAL A 292 27.83 6.09 -10.65
C VAL A 292 27.47 5.86 -12.11
N TYR A 293 27.58 4.62 -12.53
CA TYR A 293 27.16 4.21 -13.86
C TYR A 293 25.69 3.85 -13.80
N TYR A 294 24.95 4.22 -14.83
CA TYR A 294 23.53 3.93 -14.79
C TYR A 294 22.98 3.61 -16.17
N GLY A 295 22.11 2.62 -16.19
CA GLY A 295 21.28 2.42 -17.35
C GLY A 295 20.29 3.55 -17.49
N ALA A 296 19.91 3.81 -18.73
CA ALA A 296 19.10 4.96 -19.11
C ALA A 296 18.06 4.46 -20.08
N ALA A 297 16.79 4.54 -19.65
CA ALA A 297 15.68 4.03 -20.43
C ALA A 297 15.92 2.58 -20.84
N ASP A 298 16.63 1.82 -19.99
CA ASP A 298 16.94 0.42 -20.28
C ASP A 298 17.51 0.26 -21.70
N THR A 299 18.18 1.31 -22.21
CA THR A 299 18.66 1.34 -23.58
C THR A 299 20.14 1.70 -23.71
N HIS A 300 20.62 2.70 -22.96
CA HIS A 300 22.00 3.17 -22.99
C HIS A 300 22.61 3.19 -21.59
N ILE A 301 23.91 3.54 -21.52
CA ILE A 301 24.62 3.71 -20.25
C ILE A 301 25.19 5.12 -20.17
N GLY A 302 24.85 5.84 -19.10
CA GLY A 302 25.47 7.09 -18.76
C GLY A 302 26.32 6.95 -17.51
N VAL A 303 26.92 8.06 -17.09
CA VAL A 303 27.66 8.05 -15.83
C VAL A 303 27.55 9.43 -15.20
N ALA A 304 27.20 9.45 -13.92
CA ALA A 304 27.20 10.67 -13.15
C ALA A 304 28.17 10.53 -11.98
N VAL A 305 28.60 11.67 -11.46
CA VAL A 305 29.56 11.70 -10.37
C VAL A 305 29.07 12.60 -9.28
N ILE A 306 29.63 12.37 -8.10
CA ILE A 306 29.57 13.31 -7.00
C ILE A 306 30.91 13.28 -6.28
N GLU A 307 31.44 14.46 -5.97
CA GLU A 307 32.50 14.55 -4.97
C GLU A 307 32.00 14.01 -3.64
N LYS A 308 32.84 13.24 -2.96
CA LYS A 308 32.36 12.55 -1.76
C LYS A 308 32.17 13.52 -0.58
N GLU A 309 32.91 14.62 -0.56
CA GLU A 309 32.70 15.65 0.45
C GLU A 309 31.31 16.27 0.35
N LYS A 310 30.67 16.19 -0.82
CA LYS A 310 29.30 16.69 -0.94
C LYS A 310 28.25 15.72 -0.42
N VAL A 311 28.63 14.49 -0.06
CA VAL A 311 27.66 13.53 0.45
C VAL A 311 27.42 13.86 1.92
N LYS A 312 26.25 14.43 2.21
CA LYS A 312 25.92 14.91 3.54
C LYS A 312 24.44 14.66 3.80
N PHE A 313 24.14 14.03 4.93
CA PHE A 313 22.75 13.80 5.29
C PHE A 313 22.24 14.69 6.44
N MET B 12 8.74 11.90 24.05
CA MET B 12 8.62 10.46 23.78
C MET B 12 7.48 9.84 24.60
N PHE B 13 6.31 10.48 24.59
CA PHE B 13 5.35 10.42 25.69
C PHE B 13 4.09 9.61 25.38
N ARG B 14 3.38 9.25 26.43
CA ARG B 14 2.14 8.51 26.34
C ARG B 14 1.13 9.13 27.31
N LEU B 15 -0.16 8.83 27.07
CA LEU B 15 -1.21 9.18 28.01
C LEU B 15 -1.22 8.21 29.19
N THR B 16 -1.79 8.67 30.31
CA THR B 16 -2.00 7.84 31.49
C THR B 16 -3.50 7.79 31.80
N ARG B 17 -4.03 6.58 31.99
CA ARG B 17 -5.46 6.41 32.25
C ARG B 17 -5.79 6.88 33.67
N LEU B 18 -6.83 7.71 33.80
CA LEU B 18 -7.25 8.14 35.13
C LEU B 18 -7.87 6.98 35.91
N SER B 19 -8.55 6.08 35.23
CA SER B 19 -9.10 4.88 35.86
C SER B 19 -8.86 3.69 34.95
N ASN B 20 -8.73 2.52 35.57
CA ASN B 20 -8.64 1.27 34.81
C ASN B 20 -9.99 0.59 34.68
N LYS B 21 -11.05 1.38 34.74
CA LYS B 21 -12.39 0.91 34.47
C LYS B 21 -13.09 1.99 33.67
N PRO B 22 -14.06 1.63 32.85
CA PRO B 22 -14.76 2.65 32.06
C PRO B 22 -15.27 3.77 32.96
N ILE B 23 -15.36 4.98 32.40
CA ILE B 23 -16.07 6.05 33.11
C ILE B 23 -17.53 6.13 32.66
N LEU B 24 -17.82 5.75 31.41
CA LEU B 24 -19.17 5.50 30.94
C LEU B 24 -19.21 4.12 30.30
N SER B 25 -20.34 3.45 30.49
CA SER B 25 -20.61 2.10 30.00
C SER B 25 -22.03 2.10 29.46
N PRO B 26 -22.39 1.11 28.65
CA PRO B 26 -23.76 1.11 28.13
C PRO B 26 -24.76 0.91 29.26
N ILE B 27 -25.99 1.40 29.03
CA ILE B 27 -27.10 1.29 29.97
C ILE B 27 -28.11 0.34 29.34
N LYS B 28 -28.21 -0.89 29.89
CA LYS B 28 -29.04 -1.92 29.27
C LYS B 28 -30.53 -1.58 29.31
N GLU B 29 -30.96 -0.75 30.26
CA GLU B 29 -32.35 -0.32 30.33
C GLU B 29 -32.73 0.60 29.20
N HIS B 30 -31.76 1.25 28.55
CA HIS B 30 -32.02 2.15 27.43
C HIS B 30 -31.72 1.42 26.13
N GLU B 31 -32.73 1.33 25.25
CA GLU B 31 -32.55 0.63 23.98
C GLU B 31 -31.43 1.26 23.17
N TRP B 32 -31.57 2.54 22.82
CA TRP B 32 -30.40 3.29 22.47
C TRP B 32 -29.42 3.16 23.63
N GLU B 33 -28.15 2.98 23.32
CA GLU B 33 -27.06 2.83 24.30
C GLU B 33 -27.10 1.51 25.09
N LYS B 34 -27.86 0.52 24.60
CA LYS B 34 -27.95 -0.76 25.30
C LYS B 34 -26.65 -1.54 25.26
N GLU B 35 -25.84 -1.40 24.22
CA GLU B 35 -24.69 -2.27 24.03
C GLU B 35 -23.36 -1.55 23.93
N ALA B 36 -23.35 -0.27 23.59
CA ALA B 36 -22.07 0.42 23.45
C ALA B 36 -22.22 1.91 23.66
N VAL B 37 -21.26 2.49 24.38
CA VAL B 37 -21.06 3.93 24.44
C VAL B 37 -19.56 4.15 24.27
N PHE B 38 -19.19 5.00 23.33
CA PHE B 38 -17.80 5.07 22.89
C PHE B 38 -17.67 6.30 22.02
N ASN B 39 -16.46 6.48 21.45
CA ASN B 39 -16.08 7.57 20.54
C ASN B 39 -16.80 8.89 20.79
N ALA B 40 -16.43 9.59 21.85
CA ALA B 40 -17.19 10.74 22.31
C ALA B 40 -16.49 12.05 21.98
N ALA B 41 -17.28 13.03 21.55
CA ALA B 41 -16.79 14.41 21.48
C ALA B 41 -16.73 15.03 22.88
N VAL B 42 -15.82 16.01 23.03
CA VAL B 42 -15.65 16.65 24.33
C VAL B 42 -15.48 18.15 24.13
N ILE B 43 -16.18 18.92 24.95
CA ILE B 43 -15.99 20.35 25.14
C ILE B 43 -15.93 20.61 26.63
N TYR B 44 -14.93 21.36 27.06
CA TYR B 44 -14.84 21.85 28.43
C TYR B 44 -15.31 23.32 28.41
N GLU B 45 -16.52 23.54 28.90
CA GLU B 45 -17.18 24.84 28.88
C GLU B 45 -17.68 25.16 30.28
N GLY B 46 -17.20 26.26 30.85
CA GLY B 46 -17.74 26.76 32.11
C GLY B 46 -17.57 25.77 33.23
N ASN B 47 -16.35 25.27 33.38
CA ASN B 47 -15.92 24.31 34.41
C ASN B 47 -16.48 22.91 34.22
N LYS B 48 -17.19 22.63 33.14
CA LYS B 48 -17.88 21.36 32.98
C LYS B 48 -17.34 20.62 31.76
N PHE B 49 -17.12 19.31 31.94
CA PHE B 49 -16.81 18.42 30.82
C PHE B 49 -18.12 18.06 30.12
N HIS B 50 -18.31 18.55 28.89
CA HIS B 50 -19.48 18.27 28.09
C HIS B 50 -19.13 17.15 27.11
N LEU B 51 -19.70 15.98 27.35
CA LEU B 51 -19.38 14.78 26.60
C LEU B 51 -20.55 14.45 25.70
N PHE B 52 -20.25 14.15 24.44
CA PHE B 52 -21.24 13.71 23.45
C PHE B 52 -20.73 12.38 22.92
N TYR B 53 -21.36 11.28 23.33
CA TYR B 53 -20.83 9.95 23.10
C TYR B 53 -21.65 9.20 22.07
N ARG B 54 -20.97 8.56 21.13
CA ARG B 54 -21.65 7.61 20.25
C ARG B 54 -22.24 6.51 21.09
N ALA B 55 -23.47 6.15 20.78
CA ALA B 55 -24.14 5.09 21.53
C ALA B 55 -24.87 4.19 20.55
N SER B 56 -24.85 2.92 20.87
CA SER B 56 -25.30 1.86 19.98
C SER B 56 -26.30 1.00 20.73
N ASN B 57 -27.35 0.61 20.02
CA ASN B 57 -28.39 -0.25 20.55
C ASN B 57 -28.09 -1.72 20.34
N ASN B 58 -26.93 -2.06 19.79
CA ASN B 58 -26.76 -3.41 19.29
C ASN B 58 -25.28 -3.67 19.03
N LYS B 59 -24.93 -4.96 19.02
CA LYS B 59 -23.64 -5.47 18.59
C LYS B 59 -23.34 -5.05 17.16
N PHE B 60 -22.07 -5.21 16.76
CA PHE B 60 -21.59 -4.78 15.44
C PHE B 60 -21.18 -5.97 14.58
N VAL B 61 -22.09 -6.40 13.71
CA VAL B 61 -21.79 -7.41 12.69
C VAL B 61 -21.46 -6.67 11.39
N LEU B 62 -20.20 -6.72 10.99
CA LEU B 62 -19.74 -6.00 9.81
C LEU B 62 -19.27 -6.92 8.70
N ASN B 63 -19.25 -8.24 8.93
CA ASN B 63 -18.68 -9.16 7.97
C ASN B 63 -19.72 -9.71 6.99
N THR B 64 -20.78 -8.97 6.71
CA THR B 64 -21.67 -9.36 5.64
C THR B 64 -21.39 -8.49 4.43
N GLU B 65 -21.85 -8.96 3.26
CA GLU B 65 -21.55 -8.29 2.01
C GLU B 65 -22.18 -6.90 1.97
N LYS B 66 -23.41 -6.79 2.43
CA LYS B 66 -24.04 -5.50 2.64
C LYS B 66 -24.59 -5.45 4.05
N PRO B 67 -24.92 -4.27 4.55
CA PRO B 67 -25.66 -4.20 5.82
C PRO B 67 -26.99 -4.93 5.70
N GLU B 68 -27.20 -5.88 6.59
CA GLU B 68 -28.42 -6.66 6.59
C GLU B 68 -29.27 -6.25 7.79
N GLU B 69 -30.57 -6.12 7.54
CA GLU B 69 -31.51 -5.71 8.56
C GLU B 69 -31.39 -6.57 9.82
N LYS B 70 -31.19 -7.87 9.67
CA LYS B 70 -31.06 -8.75 10.83
C LYS B 70 -29.83 -8.43 11.66
N TYR B 71 -28.92 -7.61 11.16
CA TYR B 71 -27.75 -7.24 11.93
C TYR B 71 -27.69 -5.73 12.17
N LYS B 72 -28.81 -5.05 11.96
CA LYS B 72 -28.83 -3.59 12.03
C LYS B 72 -28.46 -3.10 13.42
N PHE B 73 -27.59 -2.11 13.47
CA PHE B 73 -27.29 -1.38 14.68
C PHE B 73 -27.57 0.09 14.41
N VAL B 74 -27.92 0.81 15.46
CA VAL B 74 -28.26 2.23 15.33
C VAL B 74 -27.36 2.99 16.28
N SER B 75 -26.59 3.92 15.72
CA SER B 75 -25.78 4.80 16.53
C SER B 75 -26.58 6.03 16.91
N SER B 76 -26.55 6.38 18.19
CA SER B 76 -27.11 7.64 18.67
C SER B 76 -26.03 8.44 19.38
N ILE B 77 -26.28 9.73 19.54
CA ILE B 77 -25.39 10.61 20.31
C ILE B 77 -26.03 10.90 21.64
N GLY B 78 -25.38 10.44 22.71
CA GLY B 78 -25.77 10.74 24.07
C GLY B 78 -25.00 11.93 24.59
N TYR B 79 -25.52 12.52 25.65
CA TYR B 79 -24.85 13.62 26.31
C TYR B 79 -24.55 13.27 27.75
N ALA B 80 -23.43 13.78 28.24
CA ALA B 80 -23.02 13.58 29.62
C ALA B 80 -22.23 14.82 30.04
N VAL B 81 -22.33 15.17 31.32
CA VAL B 81 -21.70 16.38 31.83
C VAL B 81 -21.01 16.02 33.14
N SER B 82 -19.89 16.68 33.42
CA SER B 82 -19.16 16.38 34.64
C SER B 82 -18.38 17.60 35.08
N GLU B 83 -18.14 17.69 36.39
CA GLU B 83 -17.30 18.71 36.99
C GLU B 83 -15.86 18.25 37.14
N ASP B 84 -15.64 16.95 37.33
CA ASP B 84 -14.30 16.44 37.56
C ASP B 84 -13.73 15.71 36.36
N GLY B 85 -14.53 15.46 35.33
CA GLY B 85 -14.08 14.71 34.18
C GLY B 85 -14.21 13.20 34.30
N ILE B 86 -14.69 12.70 35.44
CA ILE B 86 -14.71 11.29 35.74
C ILE B 86 -16.11 10.79 36.02
N ASN B 87 -16.89 11.54 36.80
CA ASN B 87 -18.23 11.15 37.20
C ASN B 87 -19.23 12.03 36.45
N PHE B 88 -20.02 11.42 35.57
CA PHE B 88 -20.84 12.14 34.62
C PHE B 88 -22.32 11.97 34.93
N GLU B 89 -23.06 13.07 34.81
CA GLU B 89 -24.51 12.99 34.74
C GLU B 89 -24.91 12.52 33.36
N ARG B 90 -25.75 11.52 33.30
CA ARG B 90 -26.25 11.04 32.03
C ARG B 90 -27.74 11.26 31.98
N PHE B 91 -28.30 11.07 30.79
CA PHE B 91 -29.67 11.44 30.50
C PHE B 91 -30.38 10.25 29.89
N ASP B 92 -31.71 10.32 29.88
CA ASP B 92 -32.51 9.16 29.55
C ASP B 92 -32.62 8.96 28.05
N LYS B 93 -32.35 10.00 27.26
CA LYS B 93 -32.62 9.94 25.85
C LYS B 93 -31.45 10.55 25.12
N PRO B 94 -31.21 10.14 23.88
CA PRO B 94 -30.08 10.69 23.14
C PRO B 94 -30.41 12.09 22.64
N VAL B 95 -29.36 12.93 22.57
CA VAL B 95 -29.51 14.32 22.12
C VAL B 95 -29.45 14.46 20.62
N LEU B 96 -29.00 13.43 19.90
CA LEU B 96 -29.04 13.44 18.45
C LEU B 96 -29.25 12.03 17.91
N VAL B 97 -30.14 11.90 16.93
CA VAL B 97 -30.41 10.61 16.29
C VAL B 97 -30.45 10.82 14.79
N GLY B 98 -30.47 9.71 14.06
CA GLY B 98 -30.38 9.77 12.61
C GLY B 98 -31.71 9.99 11.92
N GLU B 99 -31.67 10.84 10.88
CA GLU B 99 -32.79 11.11 9.99
C GLU B 99 -32.85 10.07 8.86
N ILE B 100 -33.98 9.41 8.71
CA ILE B 100 -34.12 8.48 7.58
C ILE B 100 -34.20 9.30 6.30
N PRO B 101 -33.54 8.90 5.20
CA PRO B 101 -32.87 7.61 4.97
C PRO B 101 -31.34 7.63 5.12
N GLN B 102 -30.73 8.80 4.90
CA GLN B 102 -29.27 8.87 4.87
C GLN B 102 -28.63 8.60 6.22
N GLU B 103 -29.37 8.71 7.33
CA GLU B 103 -28.80 8.43 8.65
C GLU B 103 -29.57 7.31 9.35
N ALA B 104 -30.13 6.37 8.59
CA ALA B 104 -31.00 5.35 9.16
C ALA B 104 -30.27 4.47 10.17
N TRP B 105 -29.01 4.12 9.92
CA TRP B 105 -28.31 3.33 10.93
C TRP B 105 -27.59 4.20 11.95
N GLY B 106 -27.83 5.51 11.92
CA GLY B 106 -27.43 6.40 12.99
C GLY B 106 -26.38 7.43 12.66
N VAL B 107 -25.81 8.00 13.72
CA VAL B 107 -24.88 9.10 13.64
C VAL B 107 -23.73 8.75 14.55
N GLU B 108 -22.50 8.91 14.06
CA GLU B 108 -21.34 8.24 14.66
C GLU B 108 -20.20 9.21 14.92
N ASP B 109 -19.41 8.88 15.93
CA ASP B 109 -18.10 9.46 16.17
C ASP B 109 -18.07 10.99 16.08
N PRO B 110 -18.85 11.69 16.90
CA PRO B 110 -18.91 13.14 16.80
C PRO B 110 -17.60 13.77 17.23
N ARG B 111 -17.21 14.81 16.52
CA ARG B 111 -16.11 15.69 16.92
C ARG B 111 -16.67 17.11 17.03
N ILE B 112 -16.48 17.75 18.18
CA ILE B 112 -17.07 19.07 18.42
C ILE B 112 -15.97 20.11 18.49
N THR B 113 -16.16 21.18 17.70
CA THR B 113 -15.26 22.32 17.68
C THR B 113 -16.06 23.58 17.89
N LYS B 114 -15.61 24.42 18.83
CA LYS B 114 -16.13 25.77 18.99
C LYS B 114 -15.32 26.71 18.10
N ILE B 115 -16.02 27.54 17.34
CA ILE B 115 -15.43 28.57 16.50
C ILE B 115 -16.20 29.85 16.76
N ASP B 116 -15.51 30.86 17.29
CA ASP B 116 -16.13 32.09 17.76
C ASP B 116 -17.08 31.67 18.88
N ASN B 117 -18.37 31.96 18.81
CA ASN B 117 -19.23 31.61 19.92
C ASN B 117 -20.24 30.55 19.53
N LYS B 118 -19.95 29.79 18.47
CA LYS B 118 -20.78 28.70 18.02
C LYS B 118 -20.05 27.37 18.19
N TYR B 119 -20.82 26.28 18.27
CA TYR B 119 -20.28 24.94 18.44
C TYR B 119 -20.67 24.08 17.25
N TYR B 120 -19.71 23.33 16.72
CA TYR B 120 -19.91 22.56 15.51
C TYR B 120 -19.66 21.09 15.78
N MET B 121 -20.64 20.27 15.46
CA MET B 121 -20.57 18.82 15.65
C MET B 121 -20.45 18.18 14.28
N LEU B 122 -19.25 17.74 13.93
CA LEU B 122 -19.09 16.94 12.72
C LEU B 122 -19.16 15.49 13.14
N TYR B 123 -19.89 14.69 12.37
CA TYR B 123 -20.10 13.29 12.71
C TYR B 123 -20.30 12.49 11.42
N THR B 124 -20.28 11.16 11.56
CA THR B 124 -20.51 10.25 10.45
C THR B 124 -21.95 9.81 10.48
N GLY B 125 -22.75 10.32 9.55
CA GLY B 125 -24.06 9.76 9.33
C GLY B 125 -23.96 8.53 8.44
N PHE B 126 -24.72 7.49 8.79
CA PHE B 126 -24.62 6.17 8.18
C PHE B 126 -26.01 5.68 7.85
N GLY B 127 -26.26 5.43 6.56
CA GLY B 127 -27.59 5.11 6.08
C GLY B 127 -27.91 3.62 6.06
N GLY B 128 -26.89 2.76 6.15
CA GLY B 128 -27.07 1.33 6.17
C GLY B 128 -27.46 0.69 4.84
N ARG B 129 -27.52 1.45 3.74
CA ARG B 129 -27.94 0.85 2.47
C ARG B 129 -26.79 0.15 1.75
N ASP B 130 -25.56 0.31 2.20
CA ASP B 130 -24.38 -0.45 1.78
C ASP B 130 -23.25 -0.01 2.70
N TRP B 131 -22.11 -0.69 2.62
CA TRP B 131 -21.04 -0.35 3.53
C TRP B 131 -20.38 0.99 3.21
N LEU B 132 -20.71 1.60 2.07
CA LEU B 132 -20.24 2.93 1.71
C LEU B 132 -21.33 3.98 1.84
N ASP B 133 -22.39 3.69 2.59
CA ASP B 133 -23.50 4.61 2.77
C ASP B 133 -23.28 5.50 4.00
N PHE B 134 -22.17 6.21 3.98
CA PHE B 134 -21.86 7.12 5.07
C PHE B 134 -21.23 8.38 4.52
N ARG B 135 -21.31 9.43 5.34
CA ARG B 135 -20.75 10.73 4.98
C ARG B 135 -20.48 11.49 6.25
N ILE B 136 -19.65 12.53 6.12
CA ILE B 136 -19.53 13.54 7.15
C ILE B 136 -20.76 14.43 7.12
N CYS B 137 -21.32 14.70 8.29
CA CYS B 137 -22.40 15.66 8.45
C CYS B 137 -22.03 16.67 9.51
N MET B 138 -22.73 17.79 9.51
CA MET B 138 -22.47 18.81 10.50
C MET B 138 -23.77 19.38 11.02
N VAL B 139 -23.88 19.48 12.34
CA VAL B 139 -24.90 20.29 12.99
C VAL B 139 -24.20 21.29 13.90
N TRP B 140 -24.89 22.39 14.18
CA TRP B 140 -24.29 23.42 15.00
C TRP B 140 -25.28 23.96 16.01
N SER B 141 -24.74 24.52 17.08
CA SER B 141 -25.53 25.18 18.11
C SER B 141 -24.69 26.32 18.65
N ASP B 142 -25.33 27.19 19.42
CA ASP B 142 -24.60 28.22 20.14
C ASP B 142 -24.57 27.95 21.64
N ASP B 143 -25.16 26.83 22.06
CA ASP B 143 -25.41 26.59 23.48
C ASP B 143 -25.11 25.16 23.91
N LEU B 144 -24.67 24.29 23.01
CA LEU B 144 -24.49 22.85 23.24
C LEU B 144 -25.79 22.14 23.56
N LYS B 145 -26.93 22.80 23.37
CA LYS B 145 -28.23 22.23 23.71
C LYS B 145 -29.15 22.04 22.50
N ASN B 146 -29.23 23.02 21.61
CA ASN B 146 -30.16 23.02 20.49
C ASN B 146 -29.38 22.94 19.18
N TRP B 147 -29.29 21.74 18.63
CA TRP B 147 -28.56 21.53 17.38
C TRP B 147 -29.46 21.75 16.17
N LYS B 148 -28.88 22.34 15.13
CA LYS B 148 -29.66 22.75 13.97
C LYS B 148 -28.76 22.77 12.74
N GLY B 149 -29.38 22.94 11.57
CA GLY B 149 -28.66 23.18 10.34
C GLY B 149 -27.80 22.02 9.88
N HIS B 150 -28.38 20.82 9.86
CA HIS B 150 -27.69 19.65 9.33
C HIS B 150 -27.30 19.87 7.87
N ARG B 151 -26.04 19.58 7.56
CA ARG B 151 -25.62 19.64 6.16
C ARG B 151 -24.60 18.54 5.92
N ILE B 152 -24.63 17.98 4.71
CA ILE B 152 -23.61 17.02 4.32
C ILE B 152 -22.34 17.80 4.03
N VAL B 153 -21.29 17.49 4.77
CA VAL B 153 -20.07 18.28 4.67
C VAL B 153 -19.34 17.98 3.36
N LEU B 154 -19.13 16.70 3.08
CA LEU B 154 -18.65 16.25 1.77
C LEU B 154 -19.57 15.13 1.30
N ASP B 155 -20.22 15.32 0.16
CA ASP B 155 -21.10 14.30 -0.40
C ASP B 155 -20.29 13.17 -1.02
N GLU B 156 -19.68 12.36 -0.16
CA GLU B 156 -18.77 11.30 -0.55
C GLU B 156 -18.51 10.43 0.68
N PRO B 157 -18.11 9.17 0.49
CA PRO B 157 -17.82 8.31 1.66
C PRO B 157 -16.57 8.77 2.37
N ASN B 158 -16.75 9.43 3.49
CA ASN B 158 -15.64 10.03 4.24
C ASN B 158 -16.08 10.09 5.69
N LYS B 159 -15.10 10.22 6.59
CA LYS B 159 -15.33 10.18 8.02
C LYS B 159 -14.13 10.78 8.71
N ASP B 160 -14.03 10.55 10.03
CA ASP B 160 -12.92 11.06 10.81
C ASP B 160 -12.72 12.56 10.57
N ALA B 161 -13.82 13.30 10.61
CA ALA B 161 -13.77 14.71 10.30
C ALA B 161 -13.77 15.55 11.57
N ALA B 162 -13.15 16.72 11.50
CA ALA B 162 -13.22 17.68 12.58
C ALA B 162 -12.88 19.06 12.05
N LEU B 163 -13.43 20.07 12.70
CA LEU B 163 -13.17 21.46 12.36
C LEU B 163 -12.07 22.03 13.26
N LEU B 164 -11.19 22.85 12.68
CA LEU B 164 -10.19 23.55 13.49
C LEU B 164 -10.86 24.68 14.27
N SER B 165 -10.35 24.92 15.50
CA SER B 165 -11.04 25.80 16.43
C SER B 165 -11.09 27.23 15.95
N GLU B 166 -10.32 27.57 14.94
CA GLU B 166 -10.31 28.92 14.42
C GLU B 166 -10.03 28.83 12.94
N LYS B 167 -10.25 29.94 12.25
CA LYS B 167 -9.97 30.03 10.83
C LYS B 167 -8.48 30.27 10.60
N ILE B 168 -8.05 30.01 9.36
CA ILE B 168 -6.70 30.34 8.92
C ILE B 168 -6.85 31.15 7.64
N ASN B 169 -6.27 32.34 7.61
CA ASN B 169 -6.36 33.23 6.45
C ASN B 169 -7.81 33.38 5.98
N GLY B 170 -8.68 33.67 6.95
CA GLY B 170 -10.10 33.89 6.68
C GLY B 170 -10.87 32.67 6.25
N LYS B 171 -10.33 31.48 6.48
CA LYS B 171 -10.89 30.25 5.92
C LYS B 171 -11.13 29.23 7.03
N TYR B 172 -12.27 28.55 6.97
CA TYR B 172 -12.53 27.46 7.88
C TYR B 172 -11.72 26.24 7.47
N VAL B 173 -11.21 25.52 8.47
CA VAL B 173 -10.29 24.42 8.25
C VAL B 173 -11.01 23.12 8.60
N LEU B 174 -11.20 22.27 7.59
CA LEU B 174 -11.71 20.91 7.77
C LEU B 174 -10.56 19.88 7.72
N PHE B 175 -10.52 19.00 8.70
CA PHE B 175 -9.75 17.76 8.62
C PHE B 175 -10.69 16.64 8.26
N HIS B 176 -10.28 15.76 7.34
CA HIS B 176 -11.13 14.63 6.96
C HIS B 176 -10.26 13.44 6.57
N ARG B 177 -10.88 12.36 6.10
CA ARG B 177 -10.11 11.15 5.89
C ARG B 177 -10.57 10.43 4.62
N ARG B 178 -10.28 11.01 3.47
CA ARG B 178 -10.30 10.21 2.24
C ARG B 178 -9.25 9.11 2.38
N MET B 179 -9.72 7.87 2.25
CA MET B 179 -8.91 6.70 2.57
C MET B 179 -7.57 6.76 1.84
N PRO B 180 -6.43 6.51 2.54
CA PRO B 180 -6.35 6.25 3.98
C PRO B 180 -5.62 7.34 4.75
N ASP B 181 -5.61 8.57 4.24
CA ASP B 181 -4.77 9.61 4.82
C ASP B 181 -5.59 10.58 5.61
N ILE B 182 -4.91 11.42 6.36
CA ILE B 182 -5.57 12.58 6.94
C ILE B 182 -5.45 13.71 5.95
N TRP B 183 -6.59 14.24 5.52
CA TRP B 183 -6.65 15.39 4.64
C TRP B 183 -7.04 16.65 5.40
N ILE B 184 -6.57 17.78 4.89
CA ILE B 184 -7.07 19.08 5.28
C ILE B 184 -7.90 19.61 4.12
N ALA B 185 -8.68 20.66 4.40
CA ALA B 185 -9.50 21.34 3.41
C ALA B 185 -9.99 22.64 4.02
N TYR B 186 -10.50 23.52 3.17
CA TYR B 186 -10.73 24.90 3.54
C TYR B 186 -12.08 25.33 2.98
N SER B 187 -12.73 26.24 3.70
CA SER B 187 -14.03 26.77 3.27
C SER B 187 -14.15 28.24 3.62
N ASP B 188 -14.87 28.96 2.75
CA ASP B 188 -15.30 30.33 3.08
C ASP B 188 -16.59 30.34 3.90
N ASP B 189 -17.38 29.30 3.78
CA ASP B 189 -18.77 29.39 4.20
C ASP B 189 -19.25 28.17 4.98
N LEU B 190 -18.38 27.21 5.28
CA LEU B 190 -18.74 26.00 6.01
C LEU B 190 -19.75 25.15 5.23
N VAL B 191 -19.79 25.34 3.92
CA VAL B 191 -20.66 24.54 3.06
C VAL B 191 -19.82 23.94 1.92
N ASN B 192 -19.08 24.79 1.22
CA ASN B 192 -18.30 24.38 0.05
C ASN B 192 -16.82 24.33 0.40
N TRP B 193 -16.18 23.22 0.07
CA TRP B 193 -14.82 23.00 0.52
C TRP B 193 -13.86 22.91 -0.67
N TYR B 194 -12.68 23.48 -0.49
CA TYR B 194 -11.68 23.48 -1.55
C TYR B 194 -10.30 23.32 -0.90
N ASN B 195 -9.27 23.43 -1.76
CA ASN B 195 -7.85 23.36 -1.37
C ASN B 195 -7.55 22.08 -0.60
N HIS B 196 -8.26 21.02 -0.94
CA HIS B 196 -7.97 19.69 -0.41
C HIS B 196 -6.49 19.36 -0.55
N LYS B 197 -5.89 18.93 0.55
CA LYS B 197 -4.49 18.58 0.58
C LYS B 197 -4.35 17.38 1.52
N ILE B 198 -3.55 16.40 1.10
CA ILE B 198 -3.12 15.37 2.05
C ILE B 198 -2.14 16.01 3.03
N ILE B 199 -2.25 15.68 4.32
CA ILE B 199 -1.31 16.26 5.29
C ILE B 199 -0.52 15.18 6.02
N MET B 200 -1.12 14.00 6.19
CA MET B 200 -0.44 12.95 6.93
C MET B 200 -0.85 11.61 6.35
N SER B 201 0.06 10.66 6.41
CA SER B 201 -0.14 9.37 5.77
C SER B 201 0.19 8.28 6.76
N PRO B 202 -0.32 7.07 6.54
CA PRO B 202 0.22 5.92 7.26
C PRO B 202 1.70 5.73 6.95
N LYS B 203 2.35 4.94 7.78
CA LYS B 203 3.71 4.47 7.55
C LYS B 203 3.68 2.96 7.47
N SER B 204 4.30 2.40 6.42
CA SER B 204 4.28 0.97 6.26
C SER B 204 5.12 0.32 7.35
N HIS B 205 4.76 -0.92 7.69
CA HIS B 205 5.45 -1.70 8.73
C HIS B 205 5.49 -0.96 10.07
N THR B 206 4.38 -0.34 10.46
CA THR B 206 4.22 0.19 11.81
C THR B 206 2.82 -0.18 12.34
N TRP B 207 2.56 0.22 13.59
CA TRP B 207 1.19 0.19 14.10
C TRP B 207 0.26 1.10 13.30
N GLU B 208 0.80 2.04 12.53
CA GLU B 208 -0.09 2.92 11.79
C GLU B 208 0.04 2.66 10.30
N SER B 209 0.01 1.40 9.89
CA SER B 209 0.29 1.05 8.50
C SER B 209 -0.94 1.04 7.60
N LYS B 210 -2.08 0.53 8.10
CA LYS B 210 -3.25 0.41 7.24
C LYS B 210 -3.89 1.77 7.00
N LYS B 211 -4.23 2.48 8.06
CA LYS B 211 -4.83 3.78 7.87
C LYS B 211 -4.65 4.59 9.12
N ILE B 212 -4.87 5.90 8.99
CA ILE B 212 -4.87 6.82 10.10
C ILE B 212 -6.05 7.76 9.92
N GLY B 213 -6.54 8.29 11.04
CA GLY B 213 -7.55 9.33 11.00
C GLY B 213 -7.31 10.28 12.15
N ILE B 214 -7.85 11.50 12.01
CA ILE B 214 -7.78 12.44 13.12
C ILE B 214 -8.53 11.86 14.30
N ALA B 215 -8.11 12.21 15.51
CA ALA B 215 -8.90 11.87 16.68
C ALA B 215 -9.86 13.02 16.96
N GLY B 216 -9.68 13.73 18.07
CA GLY B 216 -10.45 14.94 18.30
C GLY B 216 -9.94 16.08 17.44
N PRO B 217 -10.62 17.22 17.53
CA PRO B 217 -10.11 18.41 16.85
C PRO B 217 -8.75 18.78 17.37
N PRO B 218 -7.93 19.46 16.56
CA PRO B 218 -6.61 19.86 17.05
C PRO B 218 -6.72 20.83 18.21
N ILE B 219 -5.84 20.66 19.18
CA ILE B 219 -5.77 21.53 20.34
C ILE B 219 -4.65 22.56 20.14
N LYS B 220 -5.01 23.83 20.18
CA LYS B 220 -4.03 24.90 19.96
C LYS B 220 -2.98 24.89 21.06
N ARG B 221 -1.77 25.28 20.69
CA ARG B 221 -0.67 25.40 21.63
C ARG B 221 0.14 26.61 21.22
N GLU B 222 1.21 26.88 21.95
CA GLU B 222 2.13 27.91 21.50
C GLU B 222 3.01 27.39 20.35
N ASP B 223 3.38 26.11 20.38
CA ASP B 223 4.31 25.56 19.39
C ASP B 223 3.63 24.89 18.22
N GLY B 224 2.31 24.93 18.13
CA GLY B 224 1.60 24.43 16.98
C GLY B 224 0.26 23.86 17.40
N TRP B 225 -0.35 23.12 16.48
CA TRP B 225 -1.62 22.46 16.74
C TRP B 225 -1.36 21.03 17.17
N LEU B 226 -1.94 20.61 18.29
CA LEU B 226 -1.76 19.23 18.73
C LEU B 226 -2.74 18.34 17.97
N LEU B 227 -2.20 17.41 17.21
CA LEU B 227 -3.00 16.56 16.33
C LEU B 227 -2.91 15.14 16.90
N ILE B 228 -3.79 14.84 17.86
CA ILE B 228 -3.97 13.45 18.23
C ILE B 228 -4.70 12.78 17.08
N TYR B 229 -4.34 11.52 16.80
CA TYR B 229 -4.91 10.79 15.69
C TYR B 229 -4.92 9.31 16.03
N HIS B 230 -5.68 8.53 15.26
CA HIS B 230 -5.67 7.09 15.45
C HIS B 230 -4.97 6.42 14.28
N GLY B 231 -4.35 5.30 14.58
CA GLY B 231 -3.66 4.52 13.57
C GLY B 231 -4.05 3.07 13.66
N VAL B 232 -4.27 2.45 12.51
CA VAL B 232 -4.71 1.07 12.40
C VAL B 232 -3.60 0.23 11.79
N ASP B 233 -3.24 -0.88 12.45
CA ASP B 233 -2.17 -1.73 11.93
C ASP B 233 -2.76 -2.75 10.96
N ASN B 234 -1.92 -3.66 10.47
CA ASN B 234 -2.39 -4.63 9.48
C ASN B 234 -3.45 -5.56 10.05
N ASN B 235 -3.52 -5.68 11.37
CA ASN B 235 -4.51 -6.53 12.01
C ASN B 235 -5.72 -5.76 12.46
N ASN B 236 -5.86 -4.51 12.01
CA ASN B 236 -7.00 -3.68 12.33
C ASN B 236 -7.05 -3.31 13.80
N VAL B 237 -5.89 -3.13 14.44
CA VAL B 237 -5.85 -2.66 15.81
C VAL B 237 -5.79 -1.14 15.82
N TYR B 238 -6.70 -0.51 16.55
CA TYR B 238 -6.73 0.94 16.64
C TYR B 238 -5.92 1.42 17.84
N ARG B 239 -4.93 2.26 17.57
CA ARG B 239 -4.14 2.97 18.57
C ARG B 239 -4.20 4.48 18.29
N LEU B 240 -3.86 5.27 19.29
CA LEU B 240 -3.71 6.70 19.13
C LEU B 240 -2.24 7.06 19.06
N GLY B 241 -1.89 8.03 18.21
CA GLY B 241 -0.62 8.71 18.27
C GLY B 241 -0.80 10.21 18.16
N VAL B 242 0.31 10.93 18.23
CA VAL B 242 0.29 12.39 18.19
C VAL B 242 1.22 12.90 17.11
N ALA B 243 0.81 14.00 16.50
CA ALA B 243 1.63 14.83 15.65
C ALA B 243 1.51 16.28 16.13
N LEU B 244 2.29 17.16 15.51
CA LEU B 244 2.22 18.60 15.74
C LEU B 244 2.08 19.30 14.39
N LEU B 245 1.01 20.07 14.22
CA LEU B 245 0.83 20.84 13.01
C LEU B 245 1.33 22.26 13.23
N ASP B 246 1.87 22.85 12.17
CA ASP B 246 2.40 24.19 12.28
C ASP B 246 1.30 25.18 12.62
N LEU B 247 1.60 26.09 13.54
CA LEU B 247 0.58 26.94 14.16
C LEU B 247 -0.14 27.80 13.13
N LYS B 248 0.59 28.38 12.18
CA LYS B 248 -0.01 29.31 11.23
C LYS B 248 -0.42 28.64 9.93
N ASP B 249 -0.04 27.39 9.74
CA ASP B 249 -0.44 26.61 8.56
C ASP B 249 -0.63 25.19 9.04
N PRO B 250 -1.83 24.86 9.52
CA PRO B 250 -2.07 23.53 10.08
C PRO B 250 -1.99 22.39 9.08
N SER B 251 -1.78 22.66 7.79
CA SER B 251 -1.63 21.59 6.80
C SER B 251 -0.19 21.08 6.71
N LYS B 252 0.76 21.80 7.28
CA LYS B 252 2.15 21.33 7.37
C LYS B 252 2.33 20.65 8.72
N VAL B 253 2.71 19.36 8.71
CA VAL B 253 3.11 18.73 9.95
C VAL B 253 4.51 19.21 10.30
N ILE B 254 4.75 19.49 11.57
CA ILE B 254 6.09 19.83 12.01
C ILE B 254 6.68 18.83 12.98
N ALA B 255 5.88 17.96 13.58
CA ALA B 255 6.40 16.86 14.38
C ALA B 255 5.39 15.72 14.40
N ARG B 256 5.91 14.50 14.45
CA ARG B 256 5.08 13.32 14.53
C ARG B 256 5.82 12.32 15.41
N GLN B 257 5.23 11.96 16.55
CA GLN B 257 5.82 10.95 17.40
C GLN B 257 5.71 9.57 16.76
N LYS B 258 6.78 8.78 16.91
CA LYS B 258 6.84 7.47 16.25
C LYS B 258 5.89 6.46 16.90
N GLU B 259 5.93 6.34 18.23
CA GLU B 259 5.18 5.33 18.95
C GLU B 259 3.81 5.88 19.36
N PRO B 260 2.86 5.00 19.68
CA PRO B 260 1.52 5.48 20.03
C PRO B 260 1.52 6.13 21.40
N ILE B 261 0.50 6.95 21.65
CA ILE B 261 0.30 7.50 23.00
C ILE B 261 -0.69 6.69 23.82
N LEU B 262 -1.54 5.89 23.19
CA LEU B 262 -2.50 5.04 23.89
C LEU B 262 -2.78 3.85 23.01
N GLU B 263 -2.77 2.66 23.58
CA GLU B 263 -3.11 1.47 22.83
C GLU B 263 -3.95 0.56 23.69
N PRO B 264 -4.75 -0.32 23.08
CA PRO B 264 -5.54 -1.28 23.87
C PRO B 264 -4.63 -2.03 24.85
N GLU B 265 -5.01 -2.01 26.12
CA GLU B 265 -4.19 -2.62 27.15
C GLU B 265 -5.05 -3.34 28.18
N LEU B 266 -6.11 -2.68 28.66
CA LEU B 266 -7.06 -3.23 29.61
C LEU B 266 -8.06 -4.16 28.91
N ASP B 267 -8.62 -5.10 29.68
CA ASP B 267 -9.50 -6.09 29.08
C ASP B 267 -10.68 -5.44 28.34
N TRP B 268 -11.16 -4.29 28.79
CA TRP B 268 -12.30 -3.69 28.13
C TRP B 268 -11.86 -2.75 27.00
N GLU B 269 -10.57 -2.69 26.72
CA GLU B 269 -10.10 -2.08 25.49
C GLU B 269 -9.73 -3.13 24.43
N ILE B 270 -9.27 -4.29 24.86
CA ILE B 270 -8.89 -5.36 23.94
C ILE B 270 -10.12 -6.16 23.57
N ASN B 271 -10.87 -6.64 24.57
CA ASN B 271 -12.10 -7.40 24.34
C ASN B 271 -13.30 -6.48 24.39
N GLY B 272 -14.29 -6.79 23.55
CA GLY B 272 -15.47 -5.96 23.44
C GLY B 272 -16.12 -6.17 22.09
N LEU B 273 -17.06 -5.28 21.77
CA LEU B 273 -17.83 -5.41 20.55
C LEU B 273 -16.93 -5.37 19.33
N VAL B 274 -15.93 -4.51 19.35
CA VAL B 274 -14.89 -4.52 18.32
C VAL B 274 -13.56 -4.61 19.05
N PRO B 275 -12.91 -5.76 19.01
CA PRO B 275 -11.70 -5.96 19.82
C PRO B 275 -10.60 -4.98 19.43
N ASN B 276 -9.67 -4.79 20.37
CA ASN B 276 -8.39 -4.13 20.06
C ASN B 276 -8.59 -2.73 19.53
N VAL B 277 -9.36 -1.90 20.25
CA VAL B 277 -9.62 -0.53 19.83
C VAL B 277 -9.50 0.40 21.01
N VAL B 278 -8.71 1.46 20.84
CA VAL B 278 -8.88 2.71 21.57
C VAL B 278 -9.00 3.80 20.51
N PHE B 279 -9.98 4.68 20.72
CA PHE B 279 -10.40 5.63 19.69
C PHE B 279 -10.93 6.89 20.36
N SER B 280 -10.32 8.03 20.09
CA SER B 280 -10.73 9.29 20.67
C SER B 280 -11.36 10.20 19.63
N CYS B 281 -12.48 10.80 20.02
CA CYS B 281 -13.14 11.86 19.27
C CYS B 281 -13.05 13.18 20.00
N GLY B 282 -12.20 13.24 21.02
CA GLY B 282 -12.22 14.41 21.86
C GLY B 282 -11.17 14.42 22.95
N ALA B 283 -10.53 15.57 23.04
CA ALA B 283 -9.61 15.88 24.12
C ALA B 283 -9.74 17.38 24.37
N VAL B 284 -9.68 17.77 25.65
CA VAL B 284 -9.73 19.18 26.04
C VAL B 284 -8.56 19.47 26.97
N GLU B 285 -8.24 20.76 27.07
CA GLU B 285 -7.23 21.24 28.01
C GLU B 285 -7.91 21.76 29.26
N VAL B 286 -7.51 21.22 30.41
CA VAL B 286 -8.00 21.65 31.71
C VAL B 286 -6.83 21.66 32.68
N ASN B 287 -6.62 22.78 33.36
CA ASN B 287 -5.59 22.89 34.40
C ASN B 287 -4.23 22.48 33.86
N ASP B 288 -3.89 22.95 32.66
CA ASP B 288 -2.63 22.59 32.00
C ASP B 288 -2.43 21.09 31.94
N MET B 289 -3.54 20.36 31.75
CA MET B 289 -3.53 18.94 31.45
C MET B 289 -4.36 18.72 30.19
N TYR B 290 -4.00 17.71 29.40
CA TYR B 290 -4.86 17.27 28.31
C TYR B 290 -5.64 16.05 28.76
N TYR B 291 -6.96 16.14 28.70
CA TYR B 291 -7.86 15.05 28.99
C TYR B 291 -8.26 14.42 27.67
N VAL B 292 -7.96 13.14 27.50
CA VAL B 292 -8.25 12.40 26.27
C VAL B 292 -9.30 11.35 26.60
N TYR B 293 -10.52 11.55 26.10
CA TYR B 293 -11.59 10.56 26.25
C TYR B 293 -11.54 9.62 25.06
N TYR B 294 -11.77 8.34 25.32
CA TYR B 294 -11.66 7.39 24.22
C TYR B 294 -12.68 6.28 24.39
N GLY B 295 -13.27 5.87 23.27
CA GLY B 295 -13.93 4.57 23.24
C GLY B 295 -12.92 3.44 23.31
N ALA B 296 -13.35 2.36 23.95
CA ALA B 296 -12.55 1.17 24.14
C ALA B 296 -13.34 0.00 23.61
N ALA B 297 -12.76 -0.71 22.65
CA ALA B 297 -13.44 -1.86 22.06
C ALA B 297 -14.79 -1.49 21.46
N ASP B 298 -14.97 -0.23 21.06
CA ASP B 298 -16.26 0.26 20.56
C ASP B 298 -17.37 -0.09 21.55
N THR B 299 -17.06 -0.11 22.84
CA THR B 299 -18.07 -0.56 23.79
C THR B 299 -18.17 0.32 25.02
N HIS B 300 -17.04 0.79 25.58
CA HIS B 300 -17.03 1.67 26.74
C HIS B 300 -16.27 2.95 26.45
N ILE B 301 -16.34 3.90 27.38
CA ILE B 301 -15.53 5.10 27.33
C ILE B 301 -14.61 5.10 28.53
N GLY B 302 -13.32 5.39 28.30
CA GLY B 302 -12.37 5.67 29.34
C GLY B 302 -11.81 7.06 29.10
N VAL B 303 -10.95 7.49 30.02
CA VAL B 303 -10.29 8.80 29.89
C VAL B 303 -8.85 8.65 30.35
N ALA B 304 -7.93 9.24 29.58
CA ALA B 304 -6.52 9.26 29.91
C ALA B 304 -5.99 10.67 29.78
N VAL B 305 -4.94 10.98 30.54
CA VAL B 305 -4.45 12.35 30.63
C VAL B 305 -2.96 12.38 30.30
N ILE B 306 -2.49 13.58 30.04
CA ILE B 306 -1.07 13.90 29.96
C ILE B 306 -0.93 15.34 30.43
N GLU B 307 0.09 15.59 31.26
CA GLU B 307 0.41 16.96 31.65
C GLU B 307 0.91 17.71 30.42
N LYS B 308 0.38 18.91 30.22
CA LYS B 308 0.77 19.75 29.08
C LYS B 308 2.29 19.89 29.00
N GLU B 309 2.95 19.95 30.16
CA GLU B 309 4.40 20.11 30.16
C GLU B 309 5.10 18.92 29.53
N LYS B 310 4.47 17.75 29.55
CA LYS B 310 5.08 16.53 29.02
C LYS B 310 4.91 16.38 27.51
N VAL B 311 4.30 17.33 26.82
CA VAL B 311 4.05 17.21 25.38
C VAL B 311 5.20 17.92 24.68
N LYS B 312 6.29 17.18 24.46
CA LYS B 312 7.37 17.69 23.62
C LYS B 312 7.79 16.60 22.65
N PHE B 313 8.26 17.03 21.49
CA PHE B 313 8.55 16.13 20.37
C PHE B 313 10.04 16.00 20.07
N GLY C 11 12.07 -15.96 37.52
CA GLY C 11 13.12 -16.91 37.18
C GLY C 11 12.82 -17.65 35.89
N MET C 12 13.43 -17.20 34.79
N MET C 12 13.45 -17.21 34.80
CA MET C 12 13.16 -17.80 33.49
CA MET C 12 13.24 -17.79 33.49
C MET C 12 13.55 -19.27 33.48
C MET C 12 13.57 -19.28 33.48
N PHE C 13 12.76 -20.07 32.77
CA PHE C 13 13.11 -21.46 32.49
C PHE C 13 13.01 -21.67 30.98
N ARG C 14 13.71 -22.71 30.49
CA ARG C 14 13.79 -22.94 29.06
C ARG C 14 13.85 -24.44 28.77
N LEU C 15 13.59 -24.80 27.53
CA LEU C 15 13.68 -26.20 27.21
C LEU C 15 15.15 -26.59 26.97
N THR C 16 15.39 -27.90 27.00
CA THR C 16 16.70 -28.48 26.75
C THR C 16 16.56 -29.45 25.60
N ARG C 17 17.25 -29.18 24.48
CA ARG C 17 17.23 -30.09 23.35
C ARG C 17 17.75 -31.47 23.74
N LEU C 18 17.04 -32.52 23.33
CA LEU C 18 17.52 -33.89 23.52
C LEU C 18 18.66 -34.22 22.59
N SER C 19 18.79 -33.50 21.48
CA SER C 19 19.75 -33.92 20.47
C SER C 19 20.10 -32.72 19.60
N ASN C 20 21.35 -32.67 19.17
CA ASN C 20 21.76 -31.65 18.23
C ASN C 20 21.34 -31.99 16.83
N LYS C 21 20.60 -33.08 16.66
CA LYS C 21 20.12 -33.73 15.45
C LYS C 21 18.60 -33.67 15.38
N PRO C 22 18.03 -33.45 14.20
CA PRO C 22 16.59 -33.65 14.04
C PRO C 22 16.22 -35.08 14.37
N ILE C 23 15.02 -35.26 14.92
CA ILE C 23 14.49 -36.60 15.11
C ILE C 23 13.61 -37.03 13.93
N LEU C 24 13.18 -36.10 13.07
CA LEU C 24 12.54 -36.46 11.82
C LEU C 24 13.02 -35.51 10.74
N SER C 25 13.28 -36.06 9.56
CA SER C 25 13.79 -35.33 8.42
C SER C 25 12.95 -35.64 7.19
N PRO C 26 12.97 -34.77 6.18
CA PRO C 26 12.31 -35.12 4.92
C PRO C 26 12.95 -36.35 4.31
N ILE C 27 12.14 -37.09 3.55
CA ILE C 27 12.61 -38.22 2.76
C ILE C 27 12.34 -37.87 1.31
N LYS C 28 13.42 -37.65 0.54
CA LYS C 28 13.22 -37.07 -0.79
C LYS C 28 12.48 -38.02 -1.72
N GLU C 29 12.54 -39.32 -1.46
CA GLU C 29 11.91 -40.31 -2.33
C GLU C 29 10.39 -40.38 -2.14
N HIS C 30 9.87 -39.80 -1.06
CA HIS C 30 8.44 -39.74 -0.81
C HIS C 30 7.95 -38.35 -1.20
N GLU C 31 7.22 -38.26 -2.32
CA GLU C 31 6.85 -36.95 -2.84
C GLU C 31 6.13 -36.12 -1.78
N TRP C 32 5.29 -36.75 -0.97
CA TRP C 32 4.49 -35.99 0.01
C TRP C 32 5.32 -35.41 1.15
N GLU C 33 6.48 -35.99 1.45
CA GLU C 33 7.34 -35.48 2.50
C GLU C 33 8.73 -35.22 1.94
N LYS C 34 8.77 -34.70 0.71
CA LYS C 34 10.04 -34.53 0.01
C LYS C 34 10.90 -33.47 0.68
N GLU C 35 10.31 -32.33 1.03
CA GLU C 35 11.07 -31.14 1.40
C GLU C 35 11.05 -30.84 2.88
N ALA C 36 10.03 -31.28 3.60
CA ALA C 36 9.85 -30.77 4.95
C ALA C 36 9.01 -31.76 5.75
N VAL C 37 9.46 -32.05 6.97
CA VAL C 37 8.60 -32.59 8.00
C VAL C 37 8.72 -31.64 9.17
N PHE C 38 7.60 -31.23 9.74
CA PHE C 38 7.65 -30.21 10.78
C PHE C 38 6.29 -30.14 11.47
N ASN C 39 6.19 -29.17 12.39
CA ASN C 39 4.98 -28.77 13.07
C ASN C 39 4.09 -29.98 13.34
N ALA C 40 4.48 -30.84 14.29
CA ALA C 40 3.85 -32.12 14.47
C ALA C 40 2.97 -32.12 15.72
N ALA C 41 1.81 -32.76 15.64
CA ALA C 41 1.10 -33.06 16.87
C ALA C 41 1.75 -34.28 17.51
N VAL C 42 1.50 -34.46 18.80
CA VAL C 42 1.97 -35.68 19.45
C VAL C 42 1.04 -36.07 20.59
N ILE C 43 0.79 -37.38 20.68
CA ILE C 43 0.05 -37.99 21.78
C ILE C 43 0.89 -39.11 22.37
N TYR C 44 0.87 -39.20 23.69
CA TYR C 44 1.54 -40.28 24.40
C TYR C 44 0.49 -41.30 24.87
N GLU C 45 0.40 -42.40 24.14
CA GLU C 45 -0.54 -43.46 24.48
C GLU C 45 0.13 -44.81 24.27
N GLY C 46 -0.19 -45.74 25.16
CA GLY C 46 0.35 -47.08 25.06
C GLY C 46 1.84 -47.15 25.29
N ASN C 47 2.39 -46.25 26.11
CA ASN C 47 3.83 -46.08 26.31
C ASN C 47 4.55 -45.76 25.00
N LYS C 48 3.84 -45.17 24.05
CA LYS C 48 4.35 -44.82 22.74
C LYS C 48 4.18 -43.33 22.49
N PHE C 49 5.16 -42.71 21.86
CA PHE C 49 4.96 -41.37 21.32
C PHE C 49 4.29 -41.50 19.96
N HIS C 50 3.11 -40.91 19.81
CA HIS C 50 2.38 -40.91 18.55
C HIS C 50 2.51 -39.53 17.94
N LEU C 51 3.14 -39.45 16.78
CA LEU C 51 3.56 -38.16 16.25
C LEU C 51 2.92 -37.96 14.89
N PHE C 52 2.19 -36.87 14.75
CA PHE C 52 1.49 -36.60 13.51
C PHE C 52 2.06 -35.30 12.96
N TYR C 53 2.85 -35.43 11.91
CA TYR C 53 3.71 -34.36 11.46
C TYR C 53 3.24 -33.83 10.12
N ARG C 54 3.27 -32.51 10.01
CA ARG C 54 3.04 -31.85 8.74
C ARG C 54 4.23 -32.08 7.82
N ALA C 55 3.95 -32.33 6.55
CA ALA C 55 4.98 -32.62 5.56
C ALA C 55 4.68 -31.87 4.29
N SER C 56 5.73 -31.31 3.68
CA SER C 56 5.60 -30.56 2.43
C SER C 56 6.33 -31.23 1.29
N ASN C 57 5.69 -31.24 0.13
CA ASN C 57 6.28 -31.73 -1.11
C ASN C 57 7.14 -30.69 -1.81
N ASN C 58 7.28 -29.50 -1.24
CA ASN C 58 7.86 -28.38 -1.98
C ASN C 58 8.45 -27.36 -1.04
N LYS C 59 9.41 -26.59 -1.54
CA LYS C 59 9.89 -25.39 -0.85
C LYS C 59 8.72 -24.47 -0.56
N PHE C 60 8.95 -23.37 0.15
CA PHE C 60 7.88 -22.42 0.49
C PHE C 60 8.22 -21.05 -0.04
N VAL C 61 7.73 -20.75 -1.24
CA VAL C 61 7.81 -19.40 -1.78
C VAL C 61 6.64 -18.63 -1.16
N LEU C 62 6.96 -17.71 -0.26
CA LEU C 62 5.95 -16.99 0.47
C LEU C 62 5.85 -15.52 0.07
N ASN C 63 6.73 -15.01 -0.79
CA ASN C 63 6.83 -13.57 -1.01
C ASN C 63 5.99 -13.04 -2.18
N THR C 64 5.19 -13.87 -2.82
CA THR C 64 4.35 -13.37 -3.90
C THR C 64 3.08 -12.72 -3.33
N GLU C 65 2.60 -11.70 -4.05
CA GLU C 65 1.39 -10.99 -3.66
C GLU C 65 0.21 -11.95 -3.50
N LYS C 66 0.15 -12.98 -4.35
CA LYS C 66 -0.88 -14.01 -4.34
C LYS C 66 -0.23 -15.39 -4.35
N PRO C 67 -0.88 -16.40 -3.79
CA PRO C 67 -0.36 -17.76 -3.94
C PRO C 67 -0.45 -18.19 -5.39
N GLU C 68 0.66 -18.66 -5.93
CA GLU C 68 0.80 -18.96 -7.34
C GLU C 68 0.94 -20.45 -7.52
N GLU C 69 0.15 -21.00 -8.44
CA GLU C 69 0.18 -22.43 -8.68
C GLU C 69 1.55 -22.93 -9.11
N LYS C 70 2.39 -22.05 -9.68
CA LYS C 70 3.74 -22.47 -10.05
C LYS C 70 4.62 -22.73 -8.82
N TYR C 71 4.30 -22.09 -7.67
CA TYR C 71 5.02 -22.33 -6.43
C TYR C 71 4.18 -23.10 -5.41
N LYS C 72 3.22 -23.89 -5.89
CA LYS C 72 2.32 -24.58 -5.00
C LYS C 72 3.11 -25.53 -4.09
N PHE C 73 2.79 -25.51 -2.79
CA PHE C 73 3.25 -26.53 -1.85
C PHE C 73 2.03 -27.20 -1.26
N VAL C 74 2.15 -28.49 -0.97
CA VAL C 74 1.03 -29.29 -0.46
C VAL C 74 1.44 -29.88 0.88
N SER C 75 0.72 -29.54 1.93
CA SER C 75 0.97 -30.14 3.24
C SER C 75 0.11 -31.37 3.40
N SER C 76 0.75 -32.52 3.66
CA SER C 76 0.08 -33.68 4.19
C SER C 76 0.49 -33.90 5.64
N ILE C 77 -0.26 -34.77 6.32
CA ILE C 77 0.07 -35.12 7.68
C ILE C 77 0.51 -36.57 7.71
N GLY C 78 1.73 -36.80 8.23
CA GLY C 78 2.29 -38.13 8.34
C GLY C 78 2.24 -38.67 9.76
N TYR C 79 2.37 -39.99 9.88
CA TYR C 79 2.38 -40.66 11.17
C TYR C 79 3.75 -41.23 11.45
N ALA C 80 4.16 -41.15 12.71
CA ALA C 80 5.41 -41.72 13.18
C ALA C 80 5.25 -42.09 14.65
N VAL C 81 5.87 -43.20 15.05
CA VAL C 81 5.69 -43.70 16.40
C VAL C 81 7.07 -43.92 17.02
N SER C 82 7.15 -43.79 18.34
CA SER C 82 8.40 -44.05 19.03
C SER C 82 8.13 -44.61 20.43
N GLU C 83 9.02 -45.50 20.88
CA GLU C 83 9.04 -45.95 22.27
C GLU C 83 9.82 -45.00 23.16
N ASP C 84 10.97 -44.51 22.67
CA ASP C 84 11.92 -43.73 23.45
C ASP C 84 11.75 -42.23 23.27
N GLY C 85 10.92 -41.78 22.32
CA GLY C 85 10.72 -40.36 22.09
C GLY C 85 11.73 -39.70 21.20
N ILE C 86 12.76 -40.44 20.78
CA ILE C 86 13.81 -39.91 19.93
C ILE C 86 13.86 -40.65 18.60
N ASN C 87 13.82 -41.97 18.65
CA ASN C 87 13.89 -42.80 17.45
C ASN C 87 12.49 -43.15 17.02
N PHE C 88 12.10 -42.66 15.86
CA PHE C 88 10.74 -42.82 15.37
C PHE C 88 10.69 -43.75 14.19
N GLU C 89 9.64 -44.55 14.15
CA GLU C 89 9.32 -45.40 13.01
C GLU C 89 8.32 -44.69 12.12
N ARG C 90 8.54 -44.73 10.81
CA ARG C 90 7.78 -43.96 9.84
C ARG C 90 7.16 -44.88 8.80
N PHE C 91 6.35 -44.27 7.93
CA PHE C 91 5.51 -45.01 6.99
C PHE C 91 5.57 -44.41 5.58
N ASP C 92 5.16 -45.24 4.60
CA ASP C 92 5.31 -44.91 3.19
C ASP C 92 4.41 -43.75 2.77
N LYS C 93 3.24 -43.63 3.37
CA LYS C 93 2.22 -42.72 2.88
C LYS C 93 1.64 -41.92 4.04
N PRO C 94 1.08 -40.76 3.75
CA PRO C 94 0.49 -39.94 4.82
C PRO C 94 -0.82 -40.53 5.29
N VAL C 95 -1.23 -40.12 6.49
CA VAL C 95 -2.50 -40.58 7.04
C VAL C 95 -3.66 -39.63 6.76
N LEU C 96 -3.39 -38.35 6.50
CA LEU C 96 -4.41 -37.39 6.14
C LEU C 96 -3.87 -36.49 5.04
N VAL C 97 -4.68 -36.20 4.03
CA VAL C 97 -4.30 -35.28 2.96
C VAL C 97 -5.40 -34.23 2.80
N GLY C 98 -5.03 -33.14 2.14
CA GLY C 98 -6.01 -32.12 1.83
C GLY C 98 -6.98 -32.61 0.77
N GLU C 99 -8.26 -32.33 1.00
CA GLU C 99 -9.31 -32.55 0.01
C GLU C 99 -9.36 -31.39 -1.00
N ILE C 100 -9.50 -31.73 -2.27
CA ILE C 100 -9.59 -30.74 -3.35
C ILE C 100 -11.03 -30.25 -3.44
N PRO C 101 -11.29 -28.94 -3.43
CA PRO C 101 -10.32 -27.84 -3.48
C PRO C 101 -10.16 -27.05 -2.19
N GLN C 102 -10.99 -27.33 -1.18
CA GLN C 102 -11.00 -26.49 0.01
C GLN C 102 -9.65 -26.52 0.72
N GLU C 103 -8.98 -27.66 0.68
CA GLU C 103 -7.66 -27.85 1.27
C GLU C 103 -6.65 -28.21 0.20
N ALA C 104 -6.71 -27.52 -0.95
CA ALA C 104 -5.97 -27.99 -2.12
C ALA C 104 -4.46 -27.97 -1.89
N TRP C 105 -3.98 -27.01 -1.10
CA TRP C 105 -2.58 -26.91 -0.68
C TRP C 105 -2.32 -27.59 0.64
N GLY C 106 -3.28 -28.38 1.12
CA GLY C 106 -3.02 -29.41 2.10
C GLY C 106 -3.54 -29.07 3.48
N VAL C 107 -2.98 -29.75 4.47
CA VAL C 107 -3.47 -29.67 5.84
C VAL C 107 -2.26 -29.47 6.74
N GLU C 108 -2.31 -28.43 7.57
CA GLU C 108 -1.12 -27.92 8.24
C GLU C 108 -1.25 -28.00 9.75
N ASP C 109 -0.10 -28.05 10.43
CA ASP C 109 0.01 -27.81 11.86
C ASP C 109 -1.03 -28.54 12.73
N PRO C 110 -1.08 -29.86 12.67
CA PRO C 110 -2.06 -30.58 13.49
C PRO C 110 -1.77 -30.43 14.97
N ARG C 111 -2.84 -30.27 15.75
CA ARG C 111 -2.73 -30.33 17.21
C ARG C 111 -3.83 -31.28 17.69
N ILE C 112 -3.42 -32.27 18.46
CA ILE C 112 -4.29 -33.38 18.81
C ILE C 112 -4.58 -33.30 20.31
N THR C 113 -5.85 -33.40 20.65
CA THR C 113 -6.31 -33.40 22.02
C THR C 113 -7.14 -34.65 22.21
N LYS C 114 -6.90 -35.35 23.32
CA LYS C 114 -7.76 -36.45 23.75
C LYS C 114 -8.84 -35.91 24.66
N ILE C 115 -10.09 -36.22 24.35
CA ILE C 115 -11.23 -35.74 25.11
C ILE C 115 -12.13 -36.94 25.35
N ASP C 116 -12.04 -37.54 26.54
CA ASP C 116 -12.83 -38.70 26.96
C ASP C 116 -12.78 -39.81 25.89
N ASN C 117 -11.60 -40.41 25.78
CA ASN C 117 -11.35 -41.56 24.92
C ASN C 117 -11.70 -41.30 23.46
N LYS C 118 -11.74 -40.03 23.05
CA LYS C 118 -11.75 -39.65 21.66
C LYS C 118 -10.52 -38.78 21.37
N TYR C 119 -10.10 -38.75 20.12
CA TYR C 119 -8.94 -37.96 19.73
C TYR C 119 -9.36 -36.92 18.70
N TYR C 120 -9.05 -35.66 18.96
CA TYR C 120 -9.44 -34.58 18.06
C TYR C 120 -8.19 -33.92 17.49
N MET C 121 -8.05 -34.01 16.18
CA MET C 121 -6.95 -33.40 15.45
C MET C 121 -7.45 -32.12 14.79
N LEU C 122 -7.00 -30.99 15.30
CA LEU C 122 -7.31 -29.70 14.69
C LEU C 122 -6.13 -29.29 13.82
N TYR C 123 -6.43 -28.90 12.58
CA TYR C 123 -5.38 -28.52 11.64
C TYR C 123 -5.84 -27.35 10.80
N THR C 124 -4.88 -26.71 10.15
CA THR C 124 -5.18 -25.63 9.24
C THR C 124 -5.31 -26.20 7.83
N GLY C 125 -6.50 -26.06 7.25
CA GLY C 125 -6.71 -26.40 5.86
C GLY C 125 -6.52 -25.15 5.05
N PHE C 126 -5.85 -25.30 3.90
CA PHE C 126 -5.39 -24.15 3.11
C PHE C 126 -5.67 -24.42 1.64
N GLY C 127 -6.49 -23.57 1.02
CA GLY C 127 -6.89 -23.82 -0.35
C GLY C 127 -6.01 -23.18 -1.41
N GLY C 128 -5.16 -22.25 -1.02
CA GLY C 128 -4.22 -21.66 -1.96
C GLY C 128 -4.85 -20.80 -3.03
N ARG C 129 -6.09 -20.35 -2.83
CA ARG C 129 -6.73 -19.48 -3.80
C ARG C 129 -6.42 -18.01 -3.52
N ASP C 130 -6.15 -17.68 -2.27
CA ASP C 130 -5.54 -16.42 -1.88
C ASP C 130 -4.80 -16.71 -0.58
N TRP C 131 -4.15 -15.70 -0.01
CA TRP C 131 -3.34 -15.97 1.19
C TRP C 131 -4.16 -16.02 2.46
N LEU C 132 -5.44 -15.63 2.41
CA LEU C 132 -6.34 -15.84 3.53
C LEU C 132 -7.23 -17.05 3.32
N ASP C 133 -6.91 -17.89 2.34
CA ASP C 133 -7.69 -19.07 2.02
C ASP C 133 -7.36 -20.24 2.94
N PHE C 134 -7.44 -20.01 4.24
CA PHE C 134 -7.17 -21.07 5.21
C PHE C 134 -8.21 -21.03 6.31
N ARG C 135 -8.43 -22.17 6.94
CA ARG C 135 -9.34 -22.22 8.06
C ARG C 135 -8.96 -23.36 8.99
N ILE C 136 -9.53 -23.32 10.18
CA ILE C 136 -9.38 -24.39 11.13
C ILE C 136 -10.31 -25.53 10.73
N CYS C 137 -9.76 -26.71 10.56
CA CYS C 137 -10.57 -27.91 10.42
C CYS C 137 -10.23 -28.90 11.53
N MET C 138 -11.15 -29.82 11.71
CA MET C 138 -11.08 -30.79 12.77
C MET C 138 -11.51 -32.14 12.23
N VAL C 139 -10.73 -33.16 12.59
CA VAL C 139 -11.11 -34.55 12.41
C VAL C 139 -11.03 -35.20 13.77
N TRP C 140 -11.58 -36.41 13.88
CA TRP C 140 -11.44 -37.14 15.12
C TRP C 140 -11.38 -38.63 14.83
N SER C 141 -11.05 -39.39 15.87
CA SER C 141 -10.96 -40.84 15.73
C SER C 141 -11.15 -41.46 17.10
N ASP C 142 -11.35 -42.77 17.09
CA ASP C 142 -11.36 -43.55 18.32
C ASP C 142 -9.99 -44.04 18.70
N ASP C 143 -9.06 -44.10 17.73
CA ASP C 143 -7.89 -44.96 17.89
C ASP C 143 -6.60 -44.33 17.38
N LEU C 144 -6.58 -43.03 17.09
CA LEU C 144 -5.43 -42.35 16.48
C LEU C 144 -5.09 -42.97 15.13
N LYS C 145 -6.08 -43.58 14.48
CA LYS C 145 -5.85 -44.34 13.25
C LYS C 145 -6.94 -44.06 12.21
N ASN C 146 -8.20 -44.22 12.59
CA ASN C 146 -9.31 -44.15 11.63
C ASN C 146 -10.03 -42.82 11.81
N TRP C 147 -9.49 -41.80 11.17
CA TRP C 147 -9.98 -40.45 11.26
C TRP C 147 -11.25 -40.28 10.43
N LYS C 148 -12.05 -39.29 10.81
CA LYS C 148 -13.39 -39.07 10.29
C LYS C 148 -13.91 -37.76 10.84
N GLY C 149 -15.13 -37.41 10.46
CA GLY C 149 -15.81 -36.31 11.11
C GLY C 149 -15.34 -34.94 10.70
N HIS C 150 -14.59 -34.84 9.60
CA HIS C 150 -14.00 -33.58 9.18
C HIS C 150 -15.03 -32.46 9.16
N ARG C 151 -14.63 -31.29 9.64
CA ARG C 151 -15.53 -30.15 9.61
C ARG C 151 -14.67 -28.90 9.69
N ILE C 152 -15.26 -27.80 9.22
CA ILE C 152 -14.64 -26.48 9.34
C ILE C 152 -15.08 -25.90 10.68
N VAL C 153 -14.14 -25.84 11.64
CA VAL C 153 -14.44 -25.41 12.99
C VAL C 153 -14.96 -23.98 13.00
N LEU C 154 -14.22 -23.07 12.35
CA LEU C 154 -14.59 -21.67 12.20
C LEU C 154 -14.45 -21.28 10.74
N ASP C 155 -15.46 -20.59 10.21
CA ASP C 155 -15.60 -20.29 8.78
C ASP C 155 -14.99 -18.91 8.50
N GLU C 156 -13.69 -18.83 8.77
CA GLU C 156 -12.98 -17.56 8.83
C GLU C 156 -11.48 -17.86 8.71
N PRO C 157 -10.68 -16.86 8.35
CA PRO C 157 -9.22 -17.09 8.28
C PRO C 157 -8.69 -17.27 9.69
N ASN C 158 -8.20 -18.47 9.99
CA ASN C 158 -7.85 -18.74 11.38
C ASN C 158 -6.98 -19.98 11.39
N LYS C 159 -6.17 -20.09 12.41
CA LYS C 159 -5.18 -21.16 12.50
C LYS C 159 -4.71 -21.20 13.94
N ASP C 160 -3.65 -21.98 14.19
CA ASP C 160 -3.10 -22.12 15.54
C ASP C 160 -4.17 -22.54 16.54
N ALA C 161 -4.90 -23.61 16.19
CA ALA C 161 -6.08 -24.00 16.94
C ALA C 161 -5.85 -25.29 17.70
N ALA C 162 -6.32 -25.33 18.95
CA ALA C 162 -6.31 -26.58 19.68
C ALA C 162 -7.52 -26.63 20.59
N LEU C 163 -7.81 -27.85 21.05
CA LEU C 163 -8.90 -28.15 21.96
C LEU C 163 -8.33 -28.37 23.34
N LEU C 164 -9.02 -27.84 24.36
CA LEU C 164 -8.70 -28.28 25.71
C LEU C 164 -9.08 -29.75 25.87
N SER C 165 -8.34 -30.47 26.72
CA SER C 165 -8.53 -31.91 26.87
C SER C 165 -9.70 -32.28 27.77
N GLU C 166 -10.43 -31.31 28.29
CA GLU C 166 -11.67 -31.60 28.99
C GLU C 166 -12.58 -30.40 28.94
N LYS C 167 -13.85 -30.65 29.19
CA LYS C 167 -14.84 -29.58 29.23
C LYS C 167 -14.61 -28.70 30.45
N ILE C 168 -14.99 -27.44 30.31
CA ILE C 168 -15.00 -26.49 31.40
C ILE C 168 -16.44 -26.03 31.55
N ASN C 169 -17.04 -26.30 32.70
CA ASN C 169 -18.45 -26.04 32.95
C ASN C 169 -19.31 -26.68 31.87
N GLY C 170 -19.00 -27.95 31.58
CA GLY C 170 -19.73 -28.71 30.59
C GLY C 170 -19.59 -28.22 29.15
N LYS C 171 -18.58 -27.40 28.86
CA LYS C 171 -18.39 -26.80 27.54
C LYS C 171 -17.07 -27.24 26.92
N TYR C 172 -17.08 -27.52 25.62
CA TYR C 172 -15.83 -27.76 24.90
C TYR C 172 -15.10 -26.44 24.74
N VAL C 173 -13.78 -26.47 24.88
CA VAL C 173 -12.95 -25.27 24.90
C VAL C 173 -12.03 -25.25 23.69
N LEU C 174 -12.08 -24.17 22.92
CA LEU C 174 -11.29 -24.01 21.71
C LEU C 174 -10.35 -22.82 21.87
N PHE C 175 -9.08 -23.03 21.58
CA PHE C 175 -8.12 -21.94 21.41
C PHE C 175 -7.89 -21.71 19.92
N HIS C 176 -7.96 -20.46 19.50
CA HIS C 176 -7.68 -20.11 18.12
C HIS C 176 -6.91 -18.80 18.09
N ARG C 177 -6.63 -18.31 16.88
CA ARG C 177 -5.79 -17.14 16.70
C ARG C 177 -6.39 -16.26 15.59
N ARG C 178 -7.44 -15.52 15.93
CA ARG C 178 -7.73 -14.35 15.14
C ARG C 178 -6.57 -13.39 15.29
N MET C 179 -5.98 -12.99 14.17
CA MET C 179 -4.74 -12.24 14.18
C MET C 179 -4.88 -10.98 15.05
N PRO C 180 -3.89 -10.65 15.88
CA PRO C 180 -2.64 -11.37 16.11
C PRO C 180 -2.64 -12.15 17.45
N ASP C 181 -3.81 -12.33 18.05
CA ASP C 181 -3.94 -12.75 19.44
C ASP C 181 -4.37 -14.22 19.57
N ILE C 182 -4.10 -14.79 20.74
CA ILE C 182 -4.69 -16.08 21.10
C ILE C 182 -6.11 -15.84 21.60
N TRP C 183 -7.06 -16.55 20.99
CA TRP C 183 -8.47 -16.45 21.31
C TRP C 183 -8.96 -17.74 21.94
N ILE C 184 -10.03 -17.62 22.73
CA ILE C 184 -10.68 -18.78 23.31
C ILE C 184 -12.13 -18.76 22.86
N ALA C 185 -12.74 -19.94 22.87
CA ALA C 185 -14.11 -20.07 22.42
C ALA C 185 -14.68 -21.35 23.01
N TYR C 186 -15.99 -21.38 23.16
CA TYR C 186 -16.70 -22.41 23.90
C TYR C 186 -17.76 -23.07 23.02
N SER C 187 -18.07 -24.32 23.33
CA SER C 187 -19.06 -25.01 22.52
C SER C 187 -19.75 -26.07 23.35
N ASP C 188 -20.94 -26.45 22.89
CA ASP C 188 -21.67 -27.58 23.44
C ASP C 188 -21.51 -28.82 22.58
N ASP C 189 -21.31 -28.64 21.28
CA ASP C 189 -21.48 -29.70 20.30
C ASP C 189 -20.26 -29.92 19.42
N LEU C 190 -19.21 -29.10 19.57
CA LEU C 190 -18.03 -29.13 18.69
C LEU C 190 -18.38 -28.78 17.25
N VAL C 191 -19.40 -27.94 17.07
CA VAL C 191 -19.72 -27.46 15.73
C VAL C 191 -19.89 -25.95 15.82
N ASN C 192 -20.60 -25.49 16.83
CA ASN C 192 -20.86 -24.08 17.00
C ASN C 192 -20.08 -23.53 18.18
N TRP C 193 -19.46 -22.39 17.95
CA TRP C 193 -18.57 -21.78 18.92
C TRP C 193 -19.10 -20.41 19.27
N TYR C 194 -18.96 -20.03 20.53
CA TYR C 194 -19.53 -18.77 20.99
C TYR C 194 -18.73 -18.28 22.18
N ASN C 195 -18.98 -17.01 22.55
CA ASN C 195 -18.26 -16.32 23.62
C ASN C 195 -16.77 -16.22 23.31
N HIS C 196 -16.47 -15.84 22.07
CA HIS C 196 -15.11 -15.59 21.66
C HIS C 196 -14.54 -14.43 22.43
N LYS C 197 -13.29 -14.56 22.87
CA LYS C 197 -12.63 -13.44 23.52
C LYS C 197 -11.11 -13.60 23.46
N ILE C 198 -10.42 -12.48 23.46
CA ILE C 198 -8.97 -12.46 23.35
C ILE C 198 -8.37 -12.88 24.69
N ILE C 199 -7.46 -13.85 24.62
CA ILE C 199 -6.89 -14.53 25.77
C ILE C 199 -5.53 -13.97 26.13
N MET C 200 -4.74 -13.65 25.09
CA MET C 200 -3.34 -13.25 25.18
C MET C 200 -3.01 -12.52 23.89
N SER C 201 -2.11 -11.55 24.00
CA SER C 201 -1.81 -10.64 22.92
C SER C 201 -0.30 -10.48 22.78
N PRO C 202 0.18 -10.14 21.58
CA PRO C 202 1.62 -9.89 21.44
C PRO C 202 2.01 -8.72 22.31
N LYS C 203 3.32 -8.57 22.50
CA LYS C 203 3.86 -7.44 23.24
C LYS C 203 4.82 -6.72 22.33
N SER C 204 4.45 -5.50 21.96
CA SER C 204 5.25 -4.71 21.02
C SER C 204 6.70 -4.63 21.49
N HIS C 205 7.60 -4.62 20.52
CA HIS C 205 9.02 -4.37 20.77
C HIS C 205 9.64 -5.44 21.65
N THR C 206 9.13 -6.67 21.55
CA THR C 206 9.82 -7.81 22.15
C THR C 206 9.99 -8.87 21.09
N TRP C 207 10.48 -10.04 21.52
CA TRP C 207 10.54 -11.20 20.63
C TRP C 207 9.15 -11.70 20.21
N GLU C 208 8.10 -11.23 20.84
CA GLU C 208 6.76 -11.69 20.53
C GLU C 208 5.86 -10.50 20.22
N SER C 209 6.28 -9.69 19.26
CA SER C 209 5.58 -8.45 18.95
C SER C 209 4.65 -8.53 17.76
N LYS C 210 5.00 -9.32 16.74
CA LYS C 210 4.19 -9.33 15.53
C LYS C 210 2.87 -10.07 15.75
N LYS C 211 2.95 -11.32 16.22
CA LYS C 211 1.78 -12.15 16.48
C LYS C 211 2.18 -13.27 17.42
N ILE C 212 1.17 -13.88 18.06
CA ILE C 212 1.35 -15.05 18.90
C ILE C 212 0.29 -16.07 18.51
N GLY C 213 0.56 -17.32 18.83
CA GLY C 213 -0.41 -18.38 18.58
C GLY C 213 -0.11 -19.57 19.47
N ILE C 214 -1.14 -20.37 19.74
CA ILE C 214 -0.90 -21.50 20.61
C ILE C 214 0.10 -22.44 19.95
N ALA C 215 0.87 -23.15 20.78
CA ALA C 215 1.65 -24.27 20.28
C ALA C 215 0.84 -25.55 20.43
N GLY C 216 1.28 -26.45 21.31
CA GLY C 216 0.59 -27.70 21.50
C GLY C 216 -0.65 -27.44 22.34
N PRO C 217 -1.58 -28.37 22.37
CA PRO C 217 -2.72 -28.23 23.28
C PRO C 217 -2.22 -28.00 24.70
N PRO C 218 -2.92 -27.21 25.49
CA PRO C 218 -2.47 -26.97 26.89
C PRO C 218 -2.33 -28.28 27.65
N ILE C 219 -1.38 -28.30 28.59
CA ILE C 219 -1.12 -29.50 29.38
C ILE C 219 -1.60 -29.24 30.80
N LYS C 220 -2.38 -30.19 31.33
CA LYS C 220 -2.90 -30.05 32.67
C LYS C 220 -1.80 -30.13 33.73
N ARG C 221 -1.76 -29.14 34.62
CA ARG C 221 -0.98 -29.20 35.85
C ARG C 221 -1.90 -28.99 37.04
N GLU C 222 -1.40 -29.28 38.25
CA GLU C 222 -2.19 -28.95 39.43
C GLU C 222 -2.35 -27.44 39.59
N ASP C 223 -1.38 -26.66 39.10
CA ASP C 223 -1.39 -25.21 39.27
C ASP C 223 -1.97 -24.49 38.07
N GLY C 224 -2.55 -25.20 37.13
CA GLY C 224 -3.19 -24.60 36.00
C GLY C 224 -2.88 -25.34 34.72
N TRP C 225 -3.04 -24.64 33.61
CA TRP C 225 -2.82 -25.19 32.29
C TRP C 225 -1.55 -24.59 31.67
N LEU C 226 -0.56 -25.45 31.43
CA LEU C 226 0.67 -25.04 30.74
C LEU C 226 0.35 -24.69 29.31
N LEU C 227 0.57 -23.43 28.94
CA LEU C 227 0.28 -22.96 27.59
C LEU C 227 1.59 -22.60 26.90
N ILE C 228 2.24 -23.61 26.31
CA ILE C 228 3.34 -23.30 25.41
C ILE C 228 2.77 -22.61 24.19
N TYR C 229 3.38 -21.50 23.77
CA TYR C 229 2.90 -20.80 22.60
C TYR C 229 4.11 -20.33 21.78
N HIS C 230 3.84 -19.93 20.54
CA HIS C 230 4.88 -19.37 19.70
C HIS C 230 4.66 -17.88 19.58
N GLY C 231 5.77 -17.16 19.43
CA GLY C 231 5.73 -15.73 19.24
C GLY C 231 6.64 -15.33 18.09
N VAL C 232 6.29 -14.23 17.43
CA VAL C 232 6.90 -13.79 16.18
C VAL C 232 7.41 -12.37 16.35
N ASP C 233 8.68 -12.15 16.01
CA ASP C 233 9.19 -10.81 16.22
C ASP C 233 9.03 -9.99 14.94
N ASN C 234 9.56 -8.77 14.95
CA ASN C 234 9.39 -7.89 13.80
C ASN C 234 9.95 -8.50 12.52
N ASN C 235 10.90 -9.43 12.62
CA ASN C 235 11.51 -10.06 11.45
C ASN C 235 11.08 -11.52 11.28
N ASN C 236 9.88 -11.86 11.75
CA ASN C 236 9.26 -13.17 11.56
C ASN C 236 10.10 -14.31 12.08
N VAL C 237 10.97 -14.06 13.06
CA VAL C 237 11.56 -15.17 13.79
C VAL C 237 10.47 -15.79 14.66
N TYR C 238 10.39 -17.12 14.64
CA TYR C 238 9.43 -17.82 15.46
C TYR C 238 10.16 -18.43 16.65
N ARG C 239 9.69 -18.07 17.85
CA ARG C 239 10.21 -18.57 19.12
C ARG C 239 9.05 -19.15 19.93
N LEU C 240 9.37 -20.13 20.78
CA LEU C 240 8.39 -20.70 21.70
C LEU C 240 8.44 -19.98 23.03
N GLY C 241 7.27 -19.66 23.57
CA GLY C 241 7.13 -19.08 24.88
C GLY C 241 6.27 -19.97 25.75
N VAL C 242 6.06 -19.54 26.98
CA VAL C 242 5.25 -20.34 27.89
C VAL C 242 4.44 -19.44 28.81
N ALA C 243 3.17 -19.74 28.93
CA ALA C 243 2.32 -19.03 29.84
C ALA C 243 1.66 -20.06 30.75
N LEU C 244 0.84 -19.59 31.69
CA LEU C 244 0.09 -20.51 32.52
C LEU C 244 -1.33 -19.99 32.63
N LEU C 245 -2.31 -20.88 32.42
CA LEU C 245 -3.71 -20.53 32.48
C LEU C 245 -4.37 -21.14 33.72
N ASP C 246 -5.23 -20.36 34.37
CA ASP C 246 -6.03 -20.83 35.50
C ASP C 246 -6.67 -22.18 35.23
N LEU C 247 -6.53 -23.11 36.18
CA LEU C 247 -6.99 -24.47 35.93
C LEU C 247 -8.50 -24.55 35.80
N LYS C 248 -9.26 -23.72 36.51
CA LYS C 248 -10.71 -23.77 36.36
C LYS C 248 -11.24 -22.78 35.32
N ASP C 249 -10.53 -21.69 35.03
CA ASP C 249 -10.92 -20.82 33.94
C ASP C 249 -9.75 -20.62 33.00
N PRO C 250 -9.59 -21.48 32.00
CA PRO C 250 -8.42 -21.41 31.11
C PRO C 250 -8.37 -20.14 30.28
N SER C 251 -9.38 -19.28 30.44
CA SER C 251 -9.38 -17.98 29.78
C SER C 251 -8.56 -16.94 30.53
N LYS C 252 -8.27 -17.17 31.80
CA LYS C 252 -7.42 -16.26 32.55
C LYS C 252 -5.98 -16.73 32.49
N VAL C 253 -5.10 -15.84 32.06
CA VAL C 253 -3.66 -16.07 32.06
C VAL C 253 -3.15 -15.70 33.45
N ILE C 254 -2.75 -16.69 34.25
CA ILE C 254 -2.23 -16.35 35.56
C ILE C 254 -0.72 -16.20 35.58
N ALA C 255 -0.01 -16.69 34.57
CA ALA C 255 1.43 -16.49 34.52
C ALA C 255 1.89 -16.52 33.08
N ARG C 256 2.97 -15.80 32.80
CA ARG C 256 3.52 -15.69 31.46
C ARG C 256 4.99 -15.32 31.58
N GLN C 257 5.87 -16.17 31.06
CA GLN C 257 7.29 -15.90 31.11
C GLN C 257 7.66 -14.85 30.07
N LYS C 258 8.48 -13.89 30.48
CA LYS C 258 8.82 -12.80 29.57
C LYS C 258 9.72 -13.29 28.44
N GLU C 259 10.54 -14.29 28.68
CA GLU C 259 11.52 -14.67 27.69
C GLU C 259 11.17 -16.02 27.11
N PRO C 260 11.67 -16.34 25.92
CA PRO C 260 11.32 -17.61 25.27
C PRO C 260 11.85 -18.82 26.04
N ILE C 261 11.16 -19.96 25.85
CA ILE C 261 11.68 -21.24 26.34
C ILE C 261 12.45 -21.99 25.26
N LEU C 262 12.26 -21.63 23.99
CA LEU C 262 13.01 -22.23 22.89
C LEU C 262 13.13 -21.17 21.80
N GLU C 263 14.27 -21.15 21.13
CA GLU C 263 14.44 -20.19 20.06
C GLU C 263 15.48 -20.73 19.09
N PRO C 264 15.37 -20.37 17.80
CA PRO C 264 16.31 -20.92 16.81
C PRO C 264 17.76 -20.66 17.18
N GLU C 265 18.53 -21.74 17.25
CA GLU C 265 19.90 -21.71 17.74
C GLU C 265 20.77 -22.61 16.87
N LEU C 266 20.36 -23.85 16.72
CA LEU C 266 21.09 -24.77 15.86
C LEU C 266 20.88 -24.40 14.40
N ASP C 267 21.81 -24.86 13.56
CA ASP C 267 21.81 -24.48 12.16
C ASP C 267 20.59 -25.01 11.41
N TRP C 268 20.16 -26.23 11.70
CA TRP C 268 18.93 -26.69 11.09
C TRP C 268 17.69 -26.12 11.79
N GLU C 269 17.86 -25.21 12.74
CA GLU C 269 16.77 -24.35 13.17
C GLU C 269 16.89 -22.94 12.60
N ILE C 270 18.09 -22.51 12.28
CA ILE C 270 18.31 -21.19 11.73
C ILE C 270 18.14 -21.20 10.23
N ASN C 271 18.76 -22.14 9.54
CA ASN C 271 18.70 -22.23 8.10
C ASN C 271 17.72 -23.32 7.69
N GLY C 272 16.95 -23.07 6.64
CA GLY C 272 16.03 -24.06 6.14
C GLY C 272 15.02 -23.44 5.19
N LEU C 273 13.96 -24.19 4.90
CA LEU C 273 12.98 -23.71 3.93
C LEU C 273 12.34 -22.41 4.40
N VAL C 274 12.09 -22.31 5.70
CA VAL C 274 11.72 -21.04 6.34
C VAL C 274 12.68 -20.73 7.47
N PRO C 275 13.71 -19.91 7.24
CA PRO C 275 14.73 -19.64 8.26
C PRO C 275 14.18 -19.09 9.57
N ASN C 276 14.89 -19.41 10.66
CA ASN C 276 14.67 -18.81 11.97
C ASN C 276 13.29 -19.15 12.52
N VAL C 277 12.99 -20.44 12.61
CA VAL C 277 11.70 -20.91 13.12
C VAL C 277 11.96 -22.11 14.02
N VAL C 278 11.50 -22.02 15.26
CA VAL C 278 11.11 -23.23 15.97
C VAL C 278 9.62 -23.12 16.22
N PHE C 279 8.90 -24.24 16.06
CA PHE C 279 7.45 -24.21 16.08
C PHE C 279 6.94 -25.54 16.58
N SER C 280 6.13 -25.53 17.63
CA SER C 280 5.67 -26.79 18.21
C SER C 280 4.14 -26.83 18.15
N CYS C 281 3.61 -27.98 17.72
CA CYS C 281 2.18 -28.24 17.69
C CYS C 281 1.77 -29.33 18.66
N GLY C 282 2.69 -29.79 19.49
CA GLY C 282 2.40 -30.84 20.43
C GLY C 282 3.48 -30.93 21.46
N ALA C 283 3.10 -31.38 22.65
CA ALA C 283 4.04 -31.66 23.72
C ALA C 283 3.33 -32.58 24.70
N VAL C 284 4.01 -33.60 25.19
CA VAL C 284 3.40 -34.51 26.13
C VAL C 284 4.28 -34.64 27.37
N GLU C 285 3.65 -35.06 28.45
CA GLU C 285 4.30 -35.31 29.73
C GLU C 285 4.56 -36.81 29.85
N VAL C 286 5.82 -37.16 30.08
CA VAL C 286 6.25 -38.55 30.20
C VAL C 286 7.29 -38.61 31.30
N ASN C 287 7.04 -39.42 32.32
CA ASN C 287 7.96 -39.57 33.45
C ASN C 287 8.37 -38.21 34.01
N ASP C 288 7.36 -37.43 34.39
CA ASP C 288 7.55 -36.16 35.09
C ASP C 288 8.54 -35.27 34.35
N MET C 289 8.26 -35.11 33.07
CA MET C 289 9.14 -34.49 32.09
C MET C 289 8.29 -34.15 30.87
N TYR C 290 8.37 -32.90 30.40
CA TYR C 290 7.66 -32.53 29.18
C TYR C 290 8.55 -32.71 27.97
N TYR C 291 8.05 -33.45 26.99
CA TYR C 291 8.67 -33.58 25.68
C TYR C 291 7.99 -32.62 24.72
N VAL C 292 8.75 -31.71 24.14
CA VAL C 292 8.19 -30.68 23.27
C VAL C 292 8.74 -30.93 21.87
N TYR C 293 7.92 -31.49 20.98
CA TYR C 293 8.36 -31.70 19.61
C TYR C 293 8.17 -30.41 18.83
N TYR C 294 9.14 -30.07 18.01
CA TYR C 294 9.06 -28.80 17.33
C TYR C 294 9.57 -28.92 15.91
N GLY C 295 8.85 -28.27 15.00
CA GLY C 295 9.42 -27.98 13.71
C GLY C 295 10.55 -26.98 13.85
N ALA C 296 11.54 -27.13 12.97
CA ALA C 296 12.72 -26.27 12.93
C ALA C 296 12.91 -25.81 11.50
N ALA C 297 12.87 -24.49 11.30
CA ALA C 297 13.01 -23.92 9.96
C ALA C 297 11.96 -24.45 9.00
N ASP C 298 10.83 -24.90 9.53
CA ASP C 298 9.77 -25.50 8.72
C ASP C 298 10.33 -26.62 7.82
N THR C 299 11.37 -27.30 8.31
CA THR C 299 12.10 -28.26 7.51
C THR C 299 12.32 -29.56 8.24
N HIS C 300 12.68 -29.51 9.53
CA HIS C 300 12.89 -30.71 10.32
C HIS C 300 12.07 -30.63 11.59
N ILE C 301 12.01 -31.77 12.29
CA ILE C 301 11.41 -31.87 13.63
C ILE C 301 12.50 -32.22 14.63
N GLY C 302 12.59 -31.43 15.69
CA GLY C 302 13.40 -31.75 16.84
C GLY C 302 12.52 -32.03 18.03
N VAL C 303 13.19 -32.33 19.14
CA VAL C 303 12.51 -32.52 20.42
C VAL C 303 13.38 -31.90 21.51
N ALA C 304 12.75 -31.14 22.38
CA ALA C 304 13.40 -30.55 23.54
C ALA C 304 12.58 -30.91 24.77
N VAL C 305 13.25 -31.01 25.92
CA VAL C 305 12.59 -31.45 27.14
C VAL C 305 12.80 -30.45 28.26
N ILE C 306 11.97 -30.58 29.28
CA ILE C 306 12.15 -29.89 30.53
C ILE C 306 11.49 -30.73 31.61
N GLU C 307 12.22 -30.95 32.69
CA GLU C 307 11.68 -31.66 33.84
C GLU C 307 10.47 -30.91 34.36
N LYS C 308 9.49 -31.67 34.87
CA LYS C 308 8.24 -31.06 35.30
C LYS C 308 8.47 -30.06 36.41
N GLU C 309 9.31 -30.40 37.39
CA GLU C 309 9.55 -29.58 38.55
C GLU C 309 10.32 -28.30 38.24
N LYS C 310 10.89 -28.18 37.03
CA LYS C 310 11.58 -26.95 36.68
C LYS C 310 10.64 -25.90 36.11
N VAL C 311 9.35 -26.24 35.98
CA VAL C 311 8.36 -25.34 35.38
C VAL C 311 7.83 -24.41 36.47
N LYS C 312 8.18 -23.13 36.39
CA LYS C 312 8.03 -22.26 37.54
C LYS C 312 7.85 -20.81 37.08
N PHE C 313 6.95 -20.09 37.74
CA PHE C 313 6.70 -18.69 37.36
C PHE C 313 6.86 -17.73 38.53
N PHE D 13 3.22 35.39 -20.05
CA PHE D 13 1.91 35.96 -20.36
C PHE D 13 0.76 35.14 -19.79
N ARG D 14 -0.42 35.75 -19.66
CA ARG D 14 -1.58 35.16 -19.01
C ARG D 14 -2.78 35.19 -19.94
N LEU D 15 -3.71 34.25 -19.74
CA LEU D 15 -5.03 34.41 -20.32
C LEU D 15 -5.81 35.45 -19.53
N THR D 16 -6.82 36.03 -20.17
CA THR D 16 -7.77 36.94 -19.53
C THR D 16 -9.16 36.35 -19.75
N ARG D 17 -9.91 36.17 -18.68
CA ARG D 17 -11.28 35.68 -18.85
C ARG D 17 -12.14 36.77 -19.48
N LEU D 18 -13.04 36.35 -20.37
CA LEU D 18 -14.02 37.29 -20.90
C LEU D 18 -15.07 37.62 -19.84
N SER D 19 -15.75 36.60 -19.35
CA SER D 19 -16.82 36.72 -18.36
C SER D 19 -16.28 36.30 -17.00
N ASN D 20 -16.55 37.09 -15.97
CA ASN D 20 -16.21 36.62 -14.63
C ASN D 20 -17.34 35.80 -14.01
N LYS D 21 -18.26 35.31 -14.84
CA LYS D 21 -19.32 34.39 -14.50
C LYS D 21 -19.38 33.34 -15.60
N PRO D 22 -19.75 32.11 -15.28
CA PRO D 22 -19.75 31.05 -16.30
C PRO D 22 -20.57 31.44 -17.52
N ILE D 23 -20.01 31.17 -18.70
CA ILE D 23 -20.74 31.33 -19.95
C ILE D 23 -21.66 30.16 -20.23
N LEU D 24 -21.55 29.10 -19.44
CA LEU D 24 -22.47 27.95 -19.48
C LEU D 24 -22.46 27.29 -18.11
N SER D 25 -23.56 26.65 -17.77
CA SER D 25 -23.72 25.99 -16.49
C SER D 25 -24.67 24.81 -16.68
N PRO D 26 -24.68 23.86 -15.75
CA PRO D 26 -25.60 22.72 -15.88
C PRO D 26 -27.05 23.16 -15.87
N ILE D 27 -27.90 22.28 -16.38
CA ILE D 27 -29.34 22.52 -16.48
C ILE D 27 -30.01 21.40 -15.69
N LYS D 28 -30.42 21.70 -14.46
CA LYS D 28 -31.01 20.69 -13.59
C LYS D 28 -32.26 20.03 -14.19
N GLU D 29 -32.85 20.64 -15.23
CA GLU D 29 -34.05 20.09 -15.83
C GLU D 29 -33.71 18.91 -16.75
N HIS D 30 -32.62 19.02 -17.50
CA HIS D 30 -32.13 17.94 -18.36
C HIS D 30 -31.27 16.99 -17.52
N GLU D 31 -31.71 15.73 -17.43
CA GLU D 31 -30.98 14.75 -16.61
C GLU D 31 -29.52 14.60 -17.05
N TRP D 32 -29.23 14.79 -18.34
CA TRP D 32 -27.92 14.43 -18.86
C TRP D 32 -26.86 15.49 -18.59
N GLU D 33 -27.24 16.75 -18.42
CA GLU D 33 -26.32 17.79 -18.02
C GLU D 33 -26.70 18.36 -16.65
N LYS D 34 -27.34 17.52 -15.82
CA LYS D 34 -27.94 17.99 -14.58
C LYS D 34 -26.91 18.67 -13.69
N GLU D 35 -25.78 18.03 -13.44
CA GLU D 35 -24.86 18.52 -12.42
C GLU D 35 -23.62 19.21 -12.98
N ALA D 36 -23.25 18.97 -14.24
CA ALA D 36 -21.97 19.49 -14.69
C ALA D 36 -21.97 19.66 -16.19
N VAL D 37 -21.38 20.77 -16.63
CA VAL D 37 -20.93 20.96 -18.00
C VAL D 37 -19.54 21.55 -17.93
N PHE D 38 -18.62 20.98 -18.69
CA PHE D 38 -17.21 21.35 -18.57
C PHE D 38 -16.43 20.68 -19.70
N ASN D 39 -15.10 20.82 -19.65
CA ASN D 39 -14.15 20.25 -20.61
C ASN D 39 -14.73 20.16 -22.00
N ALA D 40 -14.71 21.27 -22.74
CA ALA D 40 -15.41 21.35 -24.00
C ALA D 40 -14.45 21.43 -25.18
N ALA D 41 -14.69 20.60 -26.19
CA ALA D 41 -14.06 20.77 -27.48
C ALA D 41 -14.81 21.85 -28.26
N VAL D 42 -14.07 22.56 -29.13
CA VAL D 42 -14.66 23.66 -29.89
C VAL D 42 -13.95 23.82 -31.22
N ILE D 43 -14.74 24.19 -32.25
CA ILE D 43 -14.25 24.49 -33.60
C ILE D 43 -14.87 25.80 -34.07
N TYR D 44 -14.13 26.52 -34.91
CA TYR D 44 -14.64 27.68 -35.63
C TYR D 44 -14.74 27.34 -37.11
N GLU D 45 -15.94 27.04 -37.58
CA GLU D 45 -16.17 26.82 -39.00
C GLU D 45 -17.19 27.80 -39.56
N GLY D 46 -18.46 27.71 -39.17
CA GLY D 46 -19.50 28.51 -39.81
C GLY D 46 -19.51 29.96 -39.38
N ASN D 47 -18.33 30.57 -39.28
CA ASN D 47 -18.12 31.88 -38.65
C ASN D 47 -18.83 31.97 -37.29
N LYS D 48 -19.09 30.81 -36.68
CA LYS D 48 -19.66 30.68 -35.35
C LYS D 48 -18.84 29.66 -34.55
N PHE D 49 -18.94 29.75 -33.23
CA PHE D 49 -18.20 28.88 -32.32
C PHE D 49 -19.01 27.60 -32.06
N HIS D 50 -18.48 26.46 -32.48
CA HIS D 50 -19.19 25.17 -32.36
C HIS D 50 -18.59 24.40 -31.18
N LEU D 51 -19.31 24.41 -30.05
CA LEU D 51 -18.82 23.95 -28.77
C LEU D 51 -19.43 22.59 -28.43
N PHE D 52 -18.58 21.63 -28.09
CA PHE D 52 -19.01 20.29 -27.70
C PHE D 52 -18.52 20.07 -26.27
N TYR D 53 -19.46 19.97 -25.32
CA TYR D 53 -19.11 20.02 -23.92
C TYR D 53 -19.45 18.71 -23.24
N ARG D 54 -18.55 18.31 -22.33
CA ARG D 54 -18.85 17.23 -21.40
C ARG D 54 -20.00 17.66 -20.50
N ALA D 55 -20.83 16.69 -20.13
CA ALA D 55 -21.99 16.92 -19.30
C ALA D 55 -22.17 15.73 -18.38
N SER D 56 -22.50 15.98 -17.11
CA SER D 56 -22.66 14.90 -16.14
C SER D 56 -24.04 14.90 -15.50
N ASN D 57 -24.59 13.70 -15.33
CA ASN D 57 -25.87 13.51 -14.68
C ASN D 57 -25.75 13.40 -13.17
N ASN D 58 -24.55 13.42 -12.63
CA ASN D 58 -24.37 13.28 -11.21
C ASN D 58 -23.06 13.92 -10.79
N LYS D 59 -22.91 14.09 -9.49
CA LYS D 59 -21.65 14.57 -8.95
C LYS D 59 -20.61 13.44 -8.96
N PHE D 60 -19.37 13.82 -8.68
CA PHE D 60 -18.21 12.97 -8.92
C PHE D 60 -17.62 12.50 -7.60
N VAL D 61 -17.89 11.25 -7.25
CA VAL D 61 -17.23 10.60 -6.13
C VAL D 61 -16.02 9.87 -6.70
N LEU D 62 -14.83 10.24 -6.23
CA LEU D 62 -13.60 9.71 -6.80
C LEU D 62 -12.73 8.96 -5.80
N ASN D 63 -13.08 8.93 -4.52
CA ASN D 63 -12.18 8.44 -3.48
C ASN D 63 -12.40 6.98 -3.14
N THR D 64 -13.34 6.30 -3.80
CA THR D 64 -13.56 4.88 -3.60
C THR D 64 -12.46 4.06 -4.28
N GLU D 65 -12.29 2.83 -3.78
CA GLU D 65 -11.27 1.94 -4.32
C GLU D 65 -11.52 1.65 -5.80
N LYS D 66 -12.75 1.37 -6.14
CA LYS D 66 -13.20 1.15 -7.50
C LYS D 66 -14.42 2.01 -7.69
N PRO D 67 -14.76 2.35 -8.93
CA PRO D 67 -16.02 3.06 -9.17
C PRO D 67 -17.19 2.23 -8.68
N GLU D 68 -18.16 2.88 -8.05
CA GLU D 68 -19.30 2.19 -7.45
C GLU D 68 -20.58 2.54 -8.18
N GLU D 69 -21.45 1.54 -8.37
CA GLU D 69 -22.76 1.79 -8.95
C GLU D 69 -23.52 2.82 -8.13
N LYS D 70 -23.38 2.77 -6.80
CA LYS D 70 -23.99 3.74 -5.89
C LYS D 70 -23.68 5.18 -6.30
N TYR D 71 -22.47 5.42 -6.78
CA TYR D 71 -22.05 6.76 -7.15
C TYR D 71 -21.76 6.88 -8.64
N LYS D 72 -22.48 6.12 -9.46
CA LYS D 72 -22.27 6.19 -10.90
C LYS D 72 -22.52 7.60 -11.41
N PHE D 73 -21.70 8.02 -12.37
CA PHE D 73 -21.94 9.26 -13.09
C PHE D 73 -21.75 8.97 -14.57
N VAL D 74 -22.57 9.61 -15.39
CA VAL D 74 -22.56 9.41 -16.84
C VAL D 74 -22.21 10.73 -17.50
N SER D 75 -21.09 10.74 -18.21
CA SER D 75 -20.72 11.86 -19.06
C SER D 75 -21.43 11.78 -20.41
N SER D 76 -21.72 12.95 -20.99
CA SER D 76 -22.35 13.08 -22.29
C SER D 76 -21.71 14.26 -23.01
N ILE D 77 -21.89 14.33 -24.32
CA ILE D 77 -21.37 15.43 -25.12
C ILE D 77 -22.55 16.28 -25.59
N GLY D 78 -22.55 17.55 -25.21
CA GLY D 78 -23.56 18.49 -25.64
C GLY D 78 -23.00 19.49 -26.63
N TYR D 79 -23.86 19.99 -27.52
CA TYR D 79 -23.49 20.99 -28.52
C TYR D 79 -23.99 22.36 -28.11
N ALA D 80 -23.31 23.41 -28.62
CA ALA D 80 -23.65 24.79 -28.24
C ALA D 80 -23.04 25.77 -29.25
N VAL D 81 -23.85 26.15 -30.25
CA VAL D 81 -23.41 27.13 -31.23
C VAL D 81 -23.49 28.53 -30.64
N SER D 82 -22.57 29.40 -31.04
CA SER D 82 -22.60 30.79 -30.59
C SER D 82 -21.95 31.68 -31.64
N GLU D 83 -22.51 32.88 -31.84
CA GLU D 83 -21.97 33.75 -32.87
C GLU D 83 -20.77 34.56 -32.37
N ASP D 84 -20.90 35.20 -31.21
CA ASP D 84 -19.79 35.96 -30.65
C ASP D 84 -18.87 35.10 -29.79
N GLY D 85 -19.35 33.96 -29.29
CA GLY D 85 -18.53 33.09 -28.47
C GLY D 85 -18.72 33.24 -26.97
N ILE D 86 -19.61 34.12 -26.52
CA ILE D 86 -19.87 34.33 -25.11
C ILE D 86 -21.24 33.81 -24.72
N ASN D 87 -22.26 34.17 -25.49
CA ASN D 87 -23.61 33.68 -25.28
C ASN D 87 -23.86 32.55 -26.26
N PHE D 88 -24.32 31.42 -25.74
CA PHE D 88 -24.43 30.19 -26.52
C PHE D 88 -25.88 29.73 -26.60
N GLU D 89 -26.13 28.79 -27.51
CA GLU D 89 -27.45 28.21 -27.71
C GLU D 89 -27.33 26.70 -27.55
N ARG D 90 -28.24 26.11 -26.76
CA ARG D 90 -28.14 24.72 -26.36
C ARG D 90 -29.40 23.95 -26.74
N PHE D 91 -29.35 22.64 -26.55
CA PHE D 91 -30.43 21.76 -27.00
C PHE D 91 -30.76 20.75 -25.91
N ASP D 92 -31.93 20.13 -26.06
CA ASP D 92 -32.56 19.33 -25.01
C ASP D 92 -31.95 17.94 -24.84
N LYS D 93 -31.08 17.51 -25.75
CA LYS D 93 -30.51 16.17 -25.71
C LYS D 93 -29.05 16.23 -26.11
N PRO D 94 -28.26 15.23 -25.71
CA PRO D 94 -26.84 15.23 -26.07
C PRO D 94 -26.66 14.89 -27.54
N VAL D 95 -25.50 15.30 -28.07
CA VAL D 95 -25.09 14.92 -29.42
C VAL D 95 -24.16 13.70 -29.44
N LEU D 96 -23.79 13.16 -28.29
CA LEU D 96 -23.02 11.91 -28.24
C LEU D 96 -23.10 11.28 -26.85
N VAL D 97 -23.29 9.95 -26.83
CA VAL D 97 -23.48 9.18 -25.61
C VAL D 97 -22.85 7.81 -25.81
N GLY D 98 -22.49 7.16 -24.71
CA GLY D 98 -21.93 5.81 -24.80
C GLY D 98 -22.93 4.81 -25.36
N GLU D 99 -22.50 4.03 -26.36
CA GLU D 99 -23.35 3.04 -26.98
C GLU D 99 -22.82 1.61 -26.88
N ILE D 100 -21.56 1.42 -26.51
CA ILE D 100 -21.01 0.11 -26.17
C ILE D 100 -20.67 0.14 -24.68
N PRO D 101 -20.59 -1.01 -24.00
CA PRO D 101 -20.41 -1.00 -22.55
C PRO D 101 -19.01 -0.62 -22.08
N GLN D 102 -18.11 -0.25 -22.98
CA GLN D 102 -16.87 0.38 -22.53
C GLN D 102 -17.05 1.88 -22.33
N GLU D 103 -18.19 2.44 -22.73
CA GLU D 103 -18.54 3.80 -22.35
C GLU D 103 -19.74 3.79 -21.40
N ALA D 104 -19.83 2.78 -20.55
CA ALA D 104 -20.97 2.66 -19.64
C ALA D 104 -21.15 3.95 -18.84
N TRP D 105 -20.05 4.46 -18.27
CA TRP D 105 -20.04 5.73 -17.56
C TRP D 105 -19.79 6.92 -18.48
N GLY D 106 -19.76 6.70 -19.78
CA GLY D 106 -19.98 7.76 -20.73
C GLY D 106 -18.72 8.17 -21.48
N VAL D 107 -18.82 9.33 -22.11
CA VAL D 107 -17.83 9.85 -23.03
C VAL D 107 -17.35 11.18 -22.48
N GLU D 108 -16.02 11.31 -22.28
CA GLU D 108 -15.42 12.41 -21.53
C GLU D 108 -14.42 13.17 -22.36
N ASP D 109 -14.35 14.49 -22.10
CA ASP D 109 -13.27 15.42 -22.46
C ASP D 109 -12.96 15.45 -23.95
N PRO D 110 -13.94 15.66 -24.81
CA PRO D 110 -13.69 15.56 -26.25
C PRO D 110 -12.65 16.57 -26.72
N ARG D 111 -11.88 16.16 -27.71
CA ARG D 111 -11.04 17.07 -28.50
C ARG D 111 -11.40 16.87 -29.95
N ILE D 112 -11.68 17.96 -30.65
CA ILE D 112 -12.10 17.88 -32.05
C ILE D 112 -11.00 18.45 -32.93
N THR D 113 -10.56 17.65 -33.89
CA THR D 113 -9.65 18.07 -34.95
C THR D 113 -10.28 17.76 -36.30
N LYS D 114 -10.13 18.69 -37.24
CA LYS D 114 -10.56 18.46 -38.62
C LYS D 114 -9.32 18.31 -39.50
N ILE D 115 -9.24 17.16 -40.16
CA ILE D 115 -8.10 16.81 -41.01
C ILE D 115 -8.65 16.46 -42.38
N ASP D 116 -8.09 17.12 -43.41
CA ASP D 116 -8.66 17.13 -44.76
C ASP D 116 -10.03 17.76 -44.64
N ASN D 117 -11.12 17.05 -44.91
CA ASN D 117 -12.45 17.64 -44.73
C ASN D 117 -13.33 16.75 -43.87
N LYS D 118 -12.71 16.03 -42.93
CA LYS D 118 -13.44 15.26 -41.93
C LYS D 118 -13.14 15.81 -40.54
N TYR D 119 -14.13 15.71 -39.66
CA TYR D 119 -14.03 16.18 -38.28
C TYR D 119 -13.85 14.97 -37.38
N TYR D 120 -12.78 14.99 -36.59
CA TYR D 120 -12.47 13.87 -35.70
C TYR D 120 -12.66 14.32 -34.27
N MET D 121 -13.37 13.51 -33.49
CA MET D 121 -13.61 13.78 -32.08
C MET D 121 -12.92 12.70 -31.27
N LEU D 122 -11.92 13.10 -30.50
CA LEU D 122 -11.25 12.20 -29.59
C LEU D 122 -11.73 12.51 -28.19
N TYR D 123 -12.13 11.46 -27.48
CA TYR D 123 -12.63 11.62 -26.12
C TYR D 123 -12.22 10.38 -25.33
N THR D 124 -12.43 10.45 -24.02
CA THR D 124 -12.22 9.30 -23.16
C THR D 124 -13.53 8.56 -22.98
N GLY D 125 -13.50 7.24 -23.10
CA GLY D 125 -14.64 6.40 -22.79
C GLY D 125 -14.35 5.61 -21.53
N PHE D 126 -15.30 5.66 -20.58
CA PHE D 126 -15.08 5.19 -19.21
C PHE D 126 -16.10 4.12 -18.88
N GLY D 127 -15.65 2.95 -18.45
CA GLY D 127 -16.54 1.82 -18.26
C GLY D 127 -16.95 1.60 -16.82
N GLY D 128 -16.24 2.22 -15.89
CA GLY D 128 -16.58 2.17 -14.48
C GLY D 128 -16.30 0.86 -13.79
N ARG D 129 -15.71 -0.12 -14.49
CA ARG D 129 -15.38 -1.39 -13.88
C ARG D 129 -14.17 -1.31 -12.95
N ASP D 130 -13.43 -0.21 -13.02
CA ASP D 130 -12.29 0.12 -12.16
C ASP D 130 -11.84 1.49 -12.61
N TRP D 131 -10.89 2.06 -11.89
CA TRP D 131 -10.48 3.41 -12.22
C TRP D 131 -9.50 3.47 -13.40
N LEU D 132 -8.95 2.33 -13.82
CA LEU D 132 -8.18 2.24 -15.05
C LEU D 132 -9.04 1.93 -16.26
N ASP D 133 -10.33 1.64 -16.06
CA ASP D 133 -11.21 1.23 -17.15
C ASP D 133 -11.67 2.42 -18.00
N PHE D 134 -10.69 3.05 -18.66
CA PHE D 134 -10.98 4.11 -19.61
C PHE D 134 -10.06 3.98 -20.82
N ARG D 135 -10.57 4.40 -21.98
CA ARG D 135 -9.88 4.26 -23.27
C ARG D 135 -9.99 5.58 -24.04
N ILE D 136 -8.94 5.88 -24.81
CA ILE D 136 -9.05 6.92 -25.84
C ILE D 136 -9.93 6.42 -26.99
N CYS D 137 -10.92 7.23 -27.36
CA CYS D 137 -11.93 6.81 -28.32
C CYS D 137 -12.15 7.89 -29.37
N MET D 138 -12.52 7.46 -30.55
CA MET D 138 -12.61 8.37 -31.68
C MET D 138 -13.86 8.06 -32.47
N VAL D 139 -14.54 9.11 -32.89
CA VAL D 139 -15.60 9.03 -33.89
C VAL D 139 -15.27 10.08 -34.93
N TRP D 140 -15.98 10.06 -36.04
CA TRP D 140 -15.68 11.08 -37.03
C TRP D 140 -16.95 11.54 -37.75
N SER D 141 -16.86 12.74 -38.31
CA SER D 141 -17.95 13.40 -39.01
C SER D 141 -17.38 14.09 -40.24
N ASP D 142 -18.28 14.53 -41.12
CA ASP D 142 -17.92 15.46 -42.18
C ASP D 142 -18.68 16.77 -42.08
N ASP D 143 -19.55 16.90 -41.08
CA ASP D 143 -20.43 18.05 -40.88
C ASP D 143 -20.53 18.50 -39.44
N LEU D 144 -19.91 17.79 -38.49
CA LEU D 144 -20.01 18.02 -37.06
C LEU D 144 -21.37 17.59 -36.50
N LYS D 145 -22.07 16.67 -37.15
CA LYS D 145 -23.42 16.32 -36.72
C LYS D 145 -23.64 14.82 -36.60
N ASN D 146 -23.22 14.03 -37.58
CA ASN D 146 -23.54 12.60 -37.64
C ASN D 146 -22.29 11.77 -37.39
N TRP D 147 -22.07 11.43 -36.12
CA TRP D 147 -20.78 10.90 -35.66
C TRP D 147 -20.77 9.38 -35.79
N LYS D 148 -20.03 8.88 -36.76
CA LYS D 148 -19.97 7.45 -37.00
C LYS D 148 -18.59 6.90 -36.60
N GLY D 149 -18.40 5.61 -36.88
CA GLY D 149 -17.10 4.96 -36.84
C GLY D 149 -16.41 4.98 -35.50
N HIS D 150 -17.07 4.45 -34.48
CA HIS D 150 -16.47 4.39 -33.17
C HIS D 150 -15.29 3.42 -33.17
N ARG D 151 -14.17 3.86 -32.59
CA ARG D 151 -13.03 2.98 -32.40
C ARG D 151 -12.31 3.40 -31.14
N ILE D 152 -11.67 2.43 -30.50
CA ILE D 152 -10.71 2.70 -29.45
C ILE D 152 -9.37 2.96 -30.12
N VAL D 153 -8.77 4.09 -29.80
CA VAL D 153 -7.56 4.53 -30.48
C VAL D 153 -6.36 3.73 -30.01
N LEU D 154 -6.18 3.63 -28.70
CA LEU D 154 -5.15 2.79 -28.09
C LEU D 154 -5.85 1.86 -27.09
N ASP D 155 -5.55 0.57 -27.17
CA ASP D 155 -6.09 -0.42 -26.23
C ASP D 155 -5.18 -0.42 -25.00
N GLU D 156 -5.39 0.60 -24.15
CA GLU D 156 -4.60 0.87 -22.96
C GLU D 156 -5.24 1.99 -22.16
N PRO D 157 -5.07 2.01 -20.83
CA PRO D 157 -5.55 3.16 -20.03
C PRO D 157 -4.84 4.45 -20.41
N ASN D 158 -5.56 5.39 -21.02
CA ASN D 158 -4.93 6.58 -21.57
C ASN D 158 -6.04 7.60 -21.82
N LYS D 159 -5.65 8.87 -21.89
CA LYS D 159 -6.62 9.94 -22.06
C LYS D 159 -5.87 11.19 -22.49
N ASP D 160 -6.57 12.32 -22.43
CA ASP D 160 -6.00 13.60 -22.86
C ASP D 160 -5.44 13.46 -24.26
N ALA D 161 -6.31 13.02 -25.16
CA ALA D 161 -5.94 12.70 -26.52
C ALA D 161 -6.46 13.78 -27.45
N ALA D 162 -5.60 14.27 -28.33
CA ALA D 162 -5.99 15.12 -29.45
C ALA D 162 -5.29 14.63 -30.71
N LEU D 163 -5.78 15.11 -31.84
CA LEU D 163 -5.13 14.89 -33.13
C LEU D 163 -4.60 16.23 -33.63
N LEU D 164 -3.42 16.22 -34.23
CA LEU D 164 -2.91 17.42 -34.88
C LEU D 164 -3.71 17.72 -36.15
N SER D 165 -3.95 19.00 -36.42
CA SER D 165 -4.83 19.36 -37.55
C SER D 165 -4.18 19.13 -38.91
N GLU D 166 -2.86 18.94 -38.96
CA GLU D 166 -2.18 18.55 -40.18
C GLU D 166 -1.54 17.17 -40.00
N LYS D 167 -1.24 16.54 -41.12
CA LYS D 167 -0.37 15.39 -41.15
C LYS D 167 1.07 15.86 -41.28
N ILE D 168 1.98 15.11 -40.67
CA ILE D 168 3.42 15.39 -40.69
C ILE D 168 4.08 14.24 -41.44
N ASN D 169 4.72 14.56 -42.58
CA ASN D 169 5.32 13.56 -43.48
C ASN D 169 4.31 12.47 -43.84
N GLY D 170 3.05 12.88 -43.98
CA GLY D 170 1.98 11.97 -44.35
C GLY D 170 1.46 11.09 -43.23
N LYS D 171 1.96 11.27 -42.01
CA LYS D 171 1.49 10.55 -40.83
C LYS D 171 0.54 11.43 -40.02
N TYR D 172 -0.59 10.85 -39.59
CA TYR D 172 -1.42 11.51 -38.59
C TYR D 172 -0.67 11.56 -37.26
N VAL D 173 -0.88 12.62 -36.49
CA VAL D 173 -0.17 12.85 -35.24
C VAL D 173 -1.17 12.82 -34.08
N LEU D 174 -1.01 11.86 -33.17
CA LEU D 174 -1.85 11.76 -31.97
C LEU D 174 -1.06 12.18 -30.74
N PHE D 175 -1.65 13.06 -29.94
CA PHE D 175 -1.12 13.37 -28.63
C PHE D 175 -1.91 12.58 -27.59
N HIS D 176 -1.21 12.05 -26.60
CA HIS D 176 -1.87 11.30 -25.55
C HIS D 176 -1.05 11.45 -24.27
N ARG D 177 -1.52 10.81 -23.23
CA ARG D 177 -0.90 10.94 -21.93
C ARG D 177 -0.87 9.55 -21.28
N ARG D 178 0.04 8.72 -21.74
CA ARG D 178 0.54 7.71 -20.84
C ARG D 178 1.10 8.41 -19.61
N MET D 179 0.65 7.97 -18.46
CA MET D 179 0.89 8.63 -17.21
C MET D 179 2.39 8.72 -16.87
N PRO D 180 2.93 9.89 -16.50
CA PRO D 180 2.27 11.20 -16.37
C PRO D 180 2.73 12.19 -17.45
N ASP D 181 3.14 11.71 -18.62
CA ASP D 181 3.80 12.57 -19.60
C ASP D 181 2.87 12.85 -20.77
N ILE D 182 3.17 13.92 -21.52
CA ILE D 182 2.53 14.10 -22.82
C ILE D 182 3.32 13.32 -23.86
N TRP D 183 2.61 12.48 -24.61
CA TRP D 183 3.21 11.64 -25.63
C TRP D 183 2.74 12.04 -27.03
N ILE D 184 3.58 11.74 -28.01
CA ILE D 184 3.22 11.82 -29.42
C ILE D 184 3.26 10.41 -29.97
N ALA D 185 2.49 10.18 -31.02
CA ALA D 185 2.58 8.95 -31.79
C ALA D 185 2.13 9.28 -33.21
N TYR D 186 2.30 8.32 -34.10
CA TYR D 186 2.15 8.56 -35.53
C TYR D 186 1.34 7.45 -36.16
N SER D 187 0.48 7.80 -37.09
CA SER D 187 -0.31 6.79 -37.78
C SER D 187 -0.27 6.96 -39.28
N ASP D 188 -0.14 5.82 -39.99
CA ASP D 188 -0.42 5.74 -41.42
C ASP D 188 -1.91 5.86 -41.73
N ASP D 189 -2.77 5.36 -40.85
CA ASP D 189 -4.14 5.00 -41.23
C ASP D 189 -5.18 5.35 -40.16
N LEU D 190 -4.81 6.09 -39.12
CA LEU D 190 -5.65 6.40 -37.96
C LEU D 190 -6.07 5.16 -37.17
N VAL D 191 -5.37 4.04 -37.32
CA VAL D 191 -5.74 2.79 -36.70
C VAL D 191 -4.61 2.25 -35.85
N ASN D 192 -3.43 2.15 -36.43
CA ASN D 192 -2.26 1.64 -35.75
C ASN D 192 -1.33 2.79 -35.46
N TRP D 193 -0.89 2.89 -34.21
CA TRP D 193 0.02 3.94 -33.81
C TRP D 193 1.36 3.33 -33.45
N TYR D 194 2.42 4.03 -33.84
CA TYR D 194 3.77 3.57 -33.62
C TYR D 194 4.62 4.79 -33.36
N ASN D 195 5.87 4.54 -32.98
CA ASN D 195 6.82 5.58 -32.60
C ASN D 195 6.27 6.47 -31.49
N HIS D 196 5.68 5.86 -30.46
CA HIS D 196 5.31 6.58 -29.23
C HIS D 196 6.56 7.14 -28.55
N LYS D 197 6.57 8.44 -28.32
CA LYS D 197 7.64 9.15 -27.62
C LYS D 197 7.03 10.07 -26.56
N ILE D 198 7.75 10.25 -25.47
CA ILE D 198 7.42 11.31 -24.53
C ILE D 198 7.93 12.63 -25.08
N ILE D 199 7.06 13.65 -25.00
CA ILE D 199 7.34 14.96 -25.58
C ILE D 199 7.56 16.02 -24.50
N MET D 200 6.98 15.83 -23.33
CA MET D 200 7.00 16.81 -22.26
C MET D 200 6.54 16.12 -20.99
N SER D 201 7.22 16.42 -19.90
CA SER D 201 7.01 15.78 -18.62
C SER D 201 6.59 16.80 -17.59
N PRO D 202 5.95 16.38 -16.50
CA PRO D 202 5.72 17.29 -15.38
C PRO D 202 7.03 17.71 -14.76
N LYS D 203 7.04 18.89 -14.15
CA LYS D 203 8.24 19.43 -13.52
C LYS D 203 8.07 19.35 -12.01
N SER D 204 9.03 18.72 -11.35
CA SER D 204 8.85 18.42 -9.93
C SER D 204 8.85 19.70 -9.10
N HIS D 205 8.14 19.62 -7.96
CA HIS D 205 8.07 20.72 -7.00
C HIS D 205 7.62 22.02 -7.65
N THR D 206 6.63 21.91 -8.53
CA THR D 206 6.01 23.07 -9.16
C THR D 206 4.50 22.83 -9.22
N TRP D 207 3.78 23.83 -9.72
CA TRP D 207 2.35 23.66 -9.97
C TRP D 207 2.08 22.53 -10.93
N GLU D 208 3.06 22.13 -11.74
CA GLU D 208 2.87 21.07 -12.71
C GLU D 208 3.73 19.86 -12.34
N SER D 209 3.58 19.38 -11.12
CA SER D 209 4.44 18.31 -10.63
C SER D 209 3.82 16.93 -10.80
N LYS D 210 2.51 16.79 -10.56
CA LYS D 210 1.92 15.45 -10.54
C LYS D 210 1.84 14.87 -11.94
N LYS D 211 1.35 15.64 -12.90
CA LYS D 211 1.08 15.11 -14.23
C LYS D 211 0.73 16.30 -15.10
N ILE D 212 0.82 16.09 -16.41
CA ILE D 212 0.43 17.09 -17.39
C ILE D 212 -0.26 16.38 -18.53
N GLY D 213 -1.10 17.12 -19.21
CA GLY D 213 -1.85 16.59 -20.34
C GLY D 213 -2.15 17.74 -21.29
N ILE D 214 -2.30 17.38 -22.57
CA ILE D 214 -2.66 18.39 -23.55
C ILE D 214 -4.01 19.01 -23.20
N ALA D 215 -4.18 20.27 -23.53
CA ALA D 215 -5.50 20.87 -23.45
C ALA D 215 -6.24 20.57 -24.74
N GLY D 216 -6.55 21.61 -25.50
CA GLY D 216 -7.10 21.46 -26.84
C GLY D 216 -6.01 21.04 -27.83
N PRO D 217 -6.42 20.63 -29.03
CA PRO D 217 -5.44 20.31 -30.08
C PRO D 217 -4.47 21.46 -30.28
N PRO D 218 -3.24 21.17 -30.72
CA PRO D 218 -2.29 22.26 -30.95
C PRO D 218 -2.80 23.18 -32.04
N ILE D 219 -2.53 24.47 -31.86
CA ILE D 219 -3.01 25.51 -32.77
C ILE D 219 -1.84 26.03 -33.57
N LYS D 220 -1.96 25.92 -34.89
CA LYS D 220 -0.86 26.27 -35.80
C LYS D 220 -0.58 27.76 -35.77
N ARG D 221 0.69 28.10 -35.65
CA ARG D 221 1.19 29.47 -35.73
C ARG D 221 2.30 29.53 -36.79
N GLU D 222 2.88 30.72 -36.94
CA GLU D 222 3.99 30.90 -37.86
C GLU D 222 5.28 30.33 -37.30
N ASP D 223 5.38 30.25 -35.97
CA ASP D 223 6.62 29.95 -35.27
C ASP D 223 6.60 28.58 -34.62
N GLY D 224 5.54 27.82 -34.79
CA GLY D 224 5.42 26.53 -34.17
C GLY D 224 3.98 26.24 -33.81
N TRP D 225 3.79 25.07 -33.21
CA TRP D 225 2.46 24.66 -32.78
C TRP D 225 2.24 25.08 -31.34
N LEU D 226 1.13 25.77 -31.09
CA LEU D 226 0.79 26.20 -29.74
C LEU D 226 0.25 25.01 -28.96
N LEU D 227 0.97 24.59 -27.92
CA LEU D 227 0.58 23.48 -27.07
C LEU D 227 0.07 24.09 -25.77
N ILE D 228 -1.23 24.39 -25.72
CA ILE D 228 -1.89 24.66 -24.46
C ILE D 228 -2.04 23.34 -23.71
N TYR D 229 -1.63 23.33 -22.44
CA TYR D 229 -1.65 22.11 -21.67
C TYR D 229 -2.10 22.39 -20.24
N HIS D 230 -2.49 21.34 -19.53
CA HIS D 230 -2.85 21.48 -18.13
C HIS D 230 -1.80 20.81 -17.27
N GLY D 231 -1.62 21.34 -16.07
CA GLY D 231 -0.66 20.78 -15.12
C GLY D 231 -1.30 20.58 -13.77
N VAL D 232 -0.94 19.48 -13.11
CA VAL D 232 -1.54 19.11 -11.84
C VAL D 232 -0.46 19.18 -10.77
N ASP D 233 -0.71 19.97 -9.72
CA ASP D 233 0.23 20.01 -8.61
C ASP D 233 -0.05 18.82 -7.69
N ASN D 234 0.77 18.62 -6.66
CA ASN D 234 0.50 17.41 -5.92
C ASN D 234 -0.58 17.61 -4.85
N ASN D 235 -1.35 18.70 -4.94
CA ASN D 235 -2.66 18.76 -4.31
C ASN D 235 -3.79 18.67 -5.33
N ASN D 236 -3.48 18.21 -6.55
CA ASN D 236 -4.47 17.89 -7.58
C ASN D 236 -5.19 19.12 -8.11
N VAL D 237 -4.55 20.28 -8.02
CA VAL D 237 -5.05 21.48 -8.69
C VAL D 237 -4.70 21.41 -10.16
N TYR D 238 -5.69 21.66 -11.02
CA TYR D 238 -5.48 21.73 -12.45
C TYR D 238 -5.39 23.20 -12.82
N ARG D 239 -4.27 23.56 -13.42
CA ARG D 239 -4.01 24.85 -14.05
C ARG D 239 -3.66 24.63 -15.52
N LEU D 240 -3.49 25.72 -16.27
CA LEU D 240 -3.16 25.64 -17.68
C LEU D 240 -1.79 26.25 -17.90
N GLY D 241 -0.94 25.51 -18.63
CA GLY D 241 0.32 26.03 -19.11
C GLY D 241 0.30 26.23 -20.62
N VAL D 242 1.43 26.69 -21.15
CA VAL D 242 1.59 26.92 -22.58
C VAL D 242 2.99 26.52 -23.02
N ALA D 243 3.07 25.93 -24.21
CA ALA D 243 4.36 25.54 -24.78
C ALA D 243 4.25 25.61 -26.30
N LEU D 244 5.42 25.65 -26.96
CA LEU D 244 5.51 25.74 -28.41
C LEU D 244 6.21 24.51 -28.96
N LEU D 245 5.57 23.88 -29.95
CA LEU D 245 6.12 22.72 -30.66
C LEU D 245 6.72 23.19 -31.96
N ASP D 246 7.91 22.67 -32.30
CA ASP D 246 8.47 22.93 -33.62
C ASP D 246 7.43 22.65 -34.68
N LEU D 247 7.31 23.55 -35.65
CA LEU D 247 6.25 23.40 -36.65
C LEU D 247 6.51 22.21 -37.55
N LYS D 248 7.78 22.01 -37.94
CA LYS D 248 8.11 20.89 -38.81
C LYS D 248 8.07 19.59 -38.04
N ASP D 249 8.44 19.63 -36.75
CA ASP D 249 8.51 18.44 -35.90
C ASP D 249 7.75 18.69 -34.60
N PRO D 250 6.46 18.38 -34.56
CA PRO D 250 5.68 18.58 -33.32
C PRO D 250 6.18 17.76 -32.14
N SER D 251 7.06 16.78 -32.34
CA SER D 251 7.62 16.02 -31.22
C SER D 251 8.64 16.80 -30.40
N LYS D 252 9.11 17.95 -30.86
CA LYS D 252 10.07 18.74 -30.10
C LYS D 252 9.38 19.98 -29.56
N VAL D 253 9.52 20.21 -28.27
CA VAL D 253 9.04 21.43 -27.65
C VAL D 253 10.15 22.49 -27.83
N ILE D 254 9.84 23.56 -28.57
CA ILE D 254 10.87 24.58 -28.76
C ILE D 254 10.78 25.69 -27.72
N ALA D 255 9.64 25.88 -27.08
CA ALA D 255 9.61 26.67 -25.85
C ALA D 255 8.46 26.22 -24.96
N ARG D 256 8.51 26.65 -23.71
CA ARG D 256 7.46 26.33 -22.75
C ARG D 256 7.54 27.36 -21.64
N GLN D 257 6.39 27.87 -21.20
CA GLN D 257 6.34 28.95 -20.21
C GLN D 257 6.37 28.41 -18.79
N LYS D 258 7.25 28.96 -17.96
CA LYS D 258 7.40 28.53 -16.58
C LYS D 258 6.07 28.57 -15.82
N GLU D 259 5.42 29.71 -15.74
CA GLU D 259 4.24 29.83 -14.89
C GLU D 259 2.98 29.51 -15.70
N PRO D 260 1.82 29.38 -15.06
CA PRO D 260 0.60 29.00 -15.79
C PRO D 260 0.02 30.19 -16.54
N ILE D 261 -0.90 29.87 -17.46
CA ILE D 261 -1.66 30.91 -18.12
C ILE D 261 -3.07 31.04 -17.55
N LEU D 262 -3.58 30.00 -16.89
CA LEU D 262 -4.90 30.02 -16.27
C LEU D 262 -4.86 29.13 -15.04
N GLU D 263 -5.27 29.65 -13.90
CA GLU D 263 -5.36 28.89 -12.66
C GLU D 263 -6.65 29.26 -11.97
N PRO D 264 -7.13 28.43 -11.04
CA PRO D 264 -8.36 28.77 -10.32
C PRO D 264 -8.20 30.10 -9.57
N GLU D 265 -9.15 31.00 -9.82
CA GLU D 265 -9.10 32.32 -9.22
C GLU D 265 -10.51 32.79 -8.88
N LEU D 266 -11.46 32.53 -9.77
CA LEU D 266 -12.85 32.82 -9.47
C LEU D 266 -13.43 31.74 -8.56
N ASP D 267 -14.55 32.07 -7.94
CA ASP D 267 -15.11 31.17 -6.93
C ASP D 267 -15.69 29.92 -7.57
N TRP D 268 -16.27 30.04 -8.76
CA TRP D 268 -16.75 28.86 -9.46
C TRP D 268 -15.63 28.08 -10.14
N GLU D 269 -14.39 28.57 -10.06
CA GLU D 269 -13.21 27.81 -10.43
C GLU D 269 -12.60 27.10 -9.23
N ILE D 270 -12.55 27.79 -8.10
CA ILE D 270 -12.07 27.18 -6.87
C ILE D 270 -13.10 26.23 -6.28
N ASN D 271 -14.37 26.63 -6.25
CA ASN D 271 -15.42 25.85 -5.57
C ASN D 271 -16.33 25.20 -6.60
N GLY D 272 -16.55 23.89 -6.45
CA GLY D 272 -17.41 23.16 -7.35
C GLY D 272 -17.18 21.67 -7.19
N LEU D 273 -17.83 20.90 -8.08
CA LEU D 273 -17.88 19.44 -7.93
C LEU D 273 -16.50 18.82 -7.69
N VAL D 274 -15.51 19.26 -8.45
CA VAL D 274 -14.12 18.92 -8.20
C VAL D 274 -13.35 20.22 -8.07
N PRO D 275 -13.12 20.71 -6.86
CA PRO D 275 -12.58 22.06 -6.67
C PRO D 275 -11.17 22.23 -7.26
N ASN D 276 -10.83 23.50 -7.49
CA ASN D 276 -9.51 23.92 -7.95
C ASN D 276 -9.12 23.25 -9.27
N VAL D 277 -10.00 23.39 -10.25
CA VAL D 277 -9.76 22.90 -11.59
C VAL D 277 -10.13 24.00 -12.59
N VAL D 278 -9.19 24.31 -13.49
CA VAL D 278 -9.46 24.90 -14.79
C VAL D 278 -8.90 23.93 -15.83
N PHE D 279 -9.66 23.65 -16.89
CA PHE D 279 -9.30 22.58 -17.80
C PHE D 279 -9.86 22.87 -19.18
N SER D 280 -8.99 22.90 -20.19
CA SER D 280 -9.43 23.17 -21.55
C SER D 280 -9.28 21.93 -22.42
N CYS D 281 -10.36 21.59 -23.14
CA CYS D 281 -10.34 20.60 -24.20
C CYS D 281 -10.46 21.22 -25.57
N GLY D 282 -10.27 22.53 -25.70
CA GLY D 282 -10.55 23.17 -26.96
C GLY D 282 -10.22 24.64 -26.98
N ALA D 283 -9.43 25.05 -27.98
CA ALA D 283 -9.15 26.46 -28.25
C ALA D 283 -9.38 26.72 -29.72
N VAL D 284 -9.50 28.00 -30.07
CA VAL D 284 -9.77 28.43 -31.44
C VAL D 284 -9.13 29.79 -31.66
N GLU D 285 -8.69 30.02 -32.89
CA GLU D 285 -8.16 31.31 -33.32
C GLU D 285 -9.27 32.08 -34.02
N VAL D 286 -9.63 33.25 -33.48
CA VAL D 286 -10.70 34.09 -34.02
C VAL D 286 -10.35 35.57 -33.84
N ASN D 287 -10.35 36.32 -34.94
CA ASN D 287 -10.08 37.76 -34.94
C ASN D 287 -8.76 38.10 -34.23
N ASP D 288 -7.66 37.50 -34.72
CA ASP D 288 -6.34 37.74 -34.12
C ASP D 288 -6.31 37.34 -32.63
N MET D 289 -7.33 36.62 -32.17
CA MET D 289 -7.46 36.24 -30.78
C MET D 289 -7.61 34.73 -30.63
N TYR D 290 -7.06 34.22 -29.54
CA TYR D 290 -7.27 32.83 -29.12
C TYR D 290 -8.35 32.79 -28.05
N TYR D 291 -9.34 31.90 -28.23
CA TYR D 291 -10.45 31.73 -27.30
C TYR D 291 -10.32 30.36 -26.63
N VAL D 292 -10.04 30.36 -25.33
CA VAL D 292 -9.72 29.16 -24.57
C VAL D 292 -10.92 28.82 -23.69
N TYR D 293 -11.63 27.74 -24.02
CA TYR D 293 -12.86 27.33 -23.32
C TYR D 293 -12.53 26.29 -22.26
N TYR D 294 -12.64 26.68 -20.99
CA TYR D 294 -12.18 25.85 -19.89
C TYR D 294 -13.34 25.44 -18.99
N GLY D 295 -13.43 24.15 -18.72
CA GLY D 295 -14.23 23.71 -17.59
C GLY D 295 -13.66 24.26 -16.29
N ALA D 296 -14.56 24.63 -15.39
CA ALA D 296 -14.17 25.14 -14.09
C ALA D 296 -14.75 24.23 -13.02
N ALA D 297 -13.87 23.75 -12.15
CA ALA D 297 -14.23 22.91 -11.01
C ALA D 297 -15.02 21.69 -11.45
N ASP D 298 -14.87 21.34 -12.73
CA ASP D 298 -15.65 20.29 -13.36
C ASP D 298 -17.15 20.51 -13.15
N THR D 299 -17.57 21.78 -13.13
CA THR D 299 -18.99 22.06 -12.96
C THR D 299 -19.53 23.02 -14.01
N HIS D 300 -18.86 24.15 -14.26
CA HIS D 300 -19.31 25.14 -15.23
C HIS D 300 -18.29 25.25 -16.38
N ILE D 301 -18.58 26.14 -17.34
CA ILE D 301 -17.71 26.43 -18.47
C ILE D 301 -17.34 27.91 -18.45
N GLY D 302 -16.06 28.20 -18.69
CA GLY D 302 -15.59 29.56 -18.85
C GLY D 302 -14.89 29.75 -20.19
N VAL D 303 -14.54 31.00 -20.47
CA VAL D 303 -13.75 31.32 -21.65
C VAL D 303 -12.81 32.48 -21.34
N ALA D 304 -11.59 32.37 -21.84
CA ALA D 304 -10.53 33.34 -21.61
C ALA D 304 -9.79 33.54 -22.92
N VAL D 305 -9.16 34.72 -23.07
CA VAL D 305 -8.59 35.10 -24.35
C VAL D 305 -7.18 35.64 -24.16
N ILE D 306 -6.42 35.54 -25.25
CA ILE D 306 -5.10 36.16 -25.38
C ILE D 306 -5.05 36.82 -26.76
N GLU D 307 -4.39 37.99 -26.83
CA GLU D 307 -4.09 38.62 -28.11
C GLU D 307 -2.91 37.89 -28.72
N LYS D 308 -3.11 37.36 -29.94
CA LYS D 308 -2.10 36.53 -30.62
C LYS D 308 -0.70 37.15 -30.49
N GLU D 309 -0.63 38.48 -30.67
CA GLU D 309 0.67 39.15 -30.65
C GLU D 309 1.32 39.15 -29.28
N LYS D 310 0.55 38.98 -28.20
CA LYS D 310 1.13 38.93 -26.86
C LYS D 310 1.60 37.52 -26.48
N VAL D 311 1.41 36.53 -27.35
CA VAL D 311 2.01 35.22 -27.15
C VAL D 311 3.49 35.30 -27.52
N LYS D 312 4.36 35.22 -26.51
CA LYS D 312 5.80 35.25 -26.70
C LYS D 312 6.46 34.41 -25.61
N PHE D 313 7.68 33.95 -25.89
CA PHE D 313 8.39 33.10 -24.93
C PHE D 313 9.76 33.65 -24.59
ZN ZN E . 14.23 -2.73 -8.68
ZN ZN F . -2.18 7.80 0.80
ZN ZN G . 6.77 -3.27 2.80
ZN ZN H . 10.53 15.45 -4.85
ZN ZN I . 32.42 -7.40 -33.06
ZN ZN J . 20.75 -18.78 -12.34
ZN ZN K . -33.68 5.43 32.21
ZN ZN L . -26.49 13.65 7.43
ZN ZN M . -10.57 6.29 11.33
ZN ZN N . 6.05 0.38 17.94
ZN ZN O . 1.06 -19.00 14.44
ZN ZN P . -11.02 -28.84 6.03
ZN ZN Q . 10.18 -45.71 1.08
ZN ZN R . -35.88 21.51 -20.60
ZN ZN S . -15.37 3.74 -26.70
ZN ZN T . -4.95 15.24 -17.80
#